data_5UBT
#
_entry.id   5UBT
#
_cell.length_a   90.662
_cell.length_b   108.603
_cell.length_c   142.903
_cell.angle_alpha   90.00
_cell.angle_beta   90.00
_cell.angle_gamma   90.00
#
_symmetry.space_group_name_H-M   'P 21 21 21'
#
loop_
_entity.id
_entity.type
_entity.pdbx_description
1 polymer 'Phosphatidylinositol 4,5-bisphosphate 3-kinase catalytic subunit delta isoform'
2 polymer 'Phosphatidylinositol 3-kinase regulatory subunit alpha'
3 non-polymer 1-[4-(3-{4-amino-5-[1-(oxan-4-yl)-1H-pyrazol-5-yl]pyrrolo[2,1-f][1,2,4]triazin-7-yl}phenyl)piperazin-1-yl]ethan-1-one
4 water water
#
loop_
_entity_poly.entity_id
_entity_poly.type
_entity_poly.pdbx_seq_one_letter_code
_entity_poly.pdbx_strand_id
1 'polypeptide(L)'
;NQSVVVDFLLPTGVYLNFPVSRNANLSTIKQLLWHRAQYEPLFHMLSGPEAYVFTCINQTAEQQELEDEQRRLCDVQPFL
PVLRLVAREGDRVKKLINSQISLLIGKGLHEFDSLCDPEVNDFRAKMCQFCEEAAARRQQLGWEAWLQYSFPLQLEPSAQ
TWGPGTLRLPNRALLVNVKFEGSEESFTFQVSTKDVPLALMACALRKKATVFRQPLVEQPEDYTLQVNGRHEYLYGSYPL
CQFQYICSCLHSGLTPHLTMVHSSSILAMRDEQSNPAPQVQKPRAKPPPIPAKKPSSVSLWSLEQPFRIELIQGSKVNAD
ERMKLVVQAGLFHGNEMLCKTVSSSEVSVCSEPVWKQRLEFDINICDLPRMARLCFALYAVIEKAKKARSTKKKSKKADC
PIAWANLMLFDYKDQLKTGERCLYMWPSVPDEKGELLNPTGTVRSNPNTDSAAALLICLPEVAPHPVYYPALEKILELGR
HSECVHVTEEEQLQLREILERRGSGELYEHEKDLVWKLRHEVQEHFPEALARLLLVTKWNKHEDVAQMLYLLCSWPELPV
LSALELLDFSFPDCHVGSFAIKSLRKLTDDELFQYLLQLVQVLKYESYLDCELTKFLLDRALANRKIGHFLFWHLRSEMH
VPSVALRFGLILEAYCRGSTHHMKVLMKQGEALSKLKALNDFVKLSSQKTPKPQTKELMHLCMRQEAYLEALSHLQSPLD
PSTLLAEVCVEQCTFMDSKMKPLWIMYSNEEAGSGGSVGIIFKNGDDLRQDMLTLQMIQLMDVLWKQEGLDLRMTPYGCL
PTGDRTGLIEVVLRSDTIANIQLNKSNMAATAAFNKDALLNWLKSKNPGEALDRAIEEFTLSCAGYCVATYVLGIGDRHS
DNIMIRESGQLFHIDFGHFLGNFKTKFGINRERVPFILTYDFVHVIQQGKTNNSEKFERFRGYCERAYTILRRHGLLFLH
LFALMRAAGLPELSCSKDIQYLKDSLALGKTEEEALKHFRVKFNEALRESWKT
;
A
2 'polypeptide(L)'
;QQDQVVKEDNIEAVGKKLHEYNTQFQEKSREYDRLYEDYTRTSQEIQMKRTAIEAFNETIKIFEEQCQTQERYSKEYIEK
FKREGNETEIQRIMHNYEKLKSRISEIVDSRRRLEEDLKKQAAEYREIDKRMNSIKPDLIQLRKTRDQYLMWLTQKGVRQ
KKLNEWLG
;
B
#
loop_
_chem_comp.id
_chem_comp.type
_chem_comp.name
_chem_comp.formula
85S non-polymer 1-[4-(3-{4-amino-5-[1-(oxan-4-yl)-1H-pyrazol-5-yl]pyrrolo[2,1-f][1,2,4]triazin-7-yl}phenyl)piperazin-1-yl]ethan-1-one 'C26 H30 N8 O2'
#
# COMPACT_ATOMS: atom_id res chain seq x y z
N ASN A 1 -13.18 -25.69 21.39
CA ASN A 1 -14.01 -26.87 21.09
C ASN A 1 -14.28 -27.05 19.58
N GLN A 2 -14.39 -28.32 19.13
CA GLN A 2 -14.66 -28.68 17.73
C GLN A 2 -16.06 -28.26 17.26
N SER A 3 -17.06 -28.37 18.15
CA SER A 3 -18.47 -28.01 17.88
C SER A 3 -18.88 -26.63 18.39
N VAL A 4 -19.95 -26.07 17.79
CA VAL A 4 -20.55 -24.77 18.09
C VAL A 4 -22.07 -24.90 17.94
N VAL A 5 -22.84 -24.29 18.88
CA VAL A 5 -24.30 -24.33 18.78
C VAL A 5 -24.74 -23.18 17.84
N VAL A 6 -25.55 -23.54 16.82
CA VAL A 6 -26.04 -22.61 15.81
C VAL A 6 -27.55 -22.42 15.94
N ASP A 7 -28.01 -21.16 15.78
CA ASP A 7 -29.41 -20.76 15.78
C ASP A 7 -29.85 -20.79 14.32
N PHE A 8 -30.99 -21.47 14.05
CA PHE A 8 -31.56 -21.62 12.71
C PHE A 8 -32.95 -20.98 12.67
N LEU A 9 -33.17 -20.16 11.63
CA LEU A 9 -34.46 -19.48 11.45
C LEU A 9 -35.10 -19.98 10.15
N LEU A 10 -36.20 -20.75 10.29
CA LEU A 10 -36.92 -21.33 9.16
C LEU A 10 -37.96 -20.36 8.60
N PRO A 11 -38.17 -20.37 7.26
CA PRO A 11 -39.09 -19.40 6.63
C PRO A 11 -40.56 -19.40 7.10
N THR A 12 -40.91 -20.37 7.94
CA THR A 12 -42.25 -20.51 8.51
C THR A 12 -42.33 -19.77 9.86
N GLY A 13 -41.19 -19.25 10.31
CA GLY A 13 -41.06 -18.53 11.58
C GLY A 13 -40.53 -19.44 12.68
N VAL A 14 -40.31 -20.74 12.35
CA VAL A 14 -39.83 -21.75 13.28
C VAL A 14 -38.32 -21.58 13.57
N TYR A 15 -37.98 -21.66 14.86
CA TYR A 15 -36.65 -21.52 15.40
C TYR A 15 -36.11 -22.85 15.95
N LEU A 16 -34.97 -23.27 15.42
CA LEU A 16 -34.26 -24.49 15.75
C LEU A 16 -32.86 -24.11 16.22
N ASN A 17 -32.36 -24.77 17.25
CA ASN A 17 -31.03 -24.48 17.77
C ASN A 17 -30.35 -25.80 18.14
N PHE A 18 -29.25 -26.17 17.45
CA PHE A 18 -28.53 -27.42 17.71
C PHE A 18 -27.00 -27.34 17.44
N PRO A 19 -26.14 -28.22 18.03
CA PRO A 19 -24.69 -28.10 17.76
C PRO A 19 -24.23 -28.78 16.46
N VAL A 20 -23.24 -28.16 15.77
CA VAL A 20 -22.61 -28.63 14.53
C VAL A 20 -21.09 -28.42 14.64
N SER A 21 -20.28 -29.14 13.83
CA SER A 21 -18.82 -28.96 13.87
C SER A 21 -18.44 -27.67 13.17
N ARG A 22 -17.47 -26.93 13.77
CA ARG A 22 -16.95 -25.68 13.25
C ARG A 22 -16.29 -25.90 11.89
N ASN A 23 -15.84 -27.13 11.60
CA ASN A 23 -15.21 -27.50 10.33
C ASN A 23 -16.20 -28.10 9.32
N ALA A 24 -17.51 -28.06 9.62
CA ALA A 24 -18.52 -28.61 8.70
C ALA A 24 -18.92 -27.61 7.63
N ASN A 25 -19.14 -28.10 6.40
CA ASN A 25 -19.56 -27.27 5.28
C ASN A 25 -21.05 -27.02 5.36
N LEU A 26 -21.50 -25.91 4.76
CA LEU A 26 -22.92 -25.50 4.78
C LEU A 26 -23.87 -26.53 4.19
N SER A 27 -23.43 -27.21 3.11
CA SER A 27 -24.19 -28.26 2.44
C SER A 27 -24.53 -29.39 3.43
N THR A 28 -23.56 -29.77 4.29
CA THR A 28 -23.70 -30.80 5.31
C THR A 28 -24.66 -30.32 6.42
N ILE A 29 -24.53 -29.04 6.84
CA ILE A 29 -25.32 -28.40 7.91
C ILE A 29 -26.79 -28.30 7.51
N LYS A 30 -27.06 -28.04 6.21
CA LYS A 30 -28.41 -27.93 5.67
C LYS A 30 -29.10 -29.30 5.77
N GLN A 31 -28.34 -30.40 5.57
CA GLN A 31 -28.82 -31.77 5.69
C GLN A 31 -29.10 -32.13 7.16
N LEU A 32 -28.21 -31.72 8.10
CA LEU A 32 -28.42 -31.95 9.53
C LEU A 32 -29.64 -31.19 9.99
N LEU A 33 -29.85 -29.97 9.41
CA LEU A 33 -31.00 -29.11 9.70
C LEU A 33 -32.30 -29.78 9.24
N TRP A 34 -32.37 -30.29 8.01
CA TRP A 34 -33.58 -30.94 7.51
C TRP A 34 -33.92 -32.19 8.35
N HIS A 35 -32.90 -32.89 8.84
CA HIS A 35 -33.09 -34.05 9.69
C HIS A 35 -33.77 -33.74 11.04
N ARG A 36 -33.49 -32.55 11.60
CA ARG A 36 -34.02 -32.11 12.89
C ARG A 36 -35.33 -31.36 12.70
N ALA A 37 -35.42 -30.56 11.63
CA ALA A 37 -36.60 -29.76 11.27
C ALA A 37 -37.87 -30.58 11.06
N GLN A 38 -37.72 -31.87 10.65
CA GLN A 38 -38.86 -32.77 10.47
C GLN A 38 -39.55 -33.07 11.81
N TYR A 39 -38.78 -33.02 12.92
CA TYR A 39 -39.29 -33.28 14.28
C TYR A 39 -39.75 -32.00 15.01
N GLU A 40 -39.91 -30.90 14.24
CA GLU A 40 -40.36 -29.57 14.70
C GLU A 40 -41.60 -29.15 13.90
N PRO A 41 -42.50 -28.30 14.44
CA PRO A 41 -43.72 -27.93 13.68
C PRO A 41 -43.51 -27.16 12.37
N LEU A 42 -44.46 -27.33 11.45
CA LEU A 42 -44.67 -26.71 10.14
C LEU A 42 -43.72 -27.21 9.03
N PHE A 43 -43.09 -28.38 9.22
CA PHE A 43 -42.17 -28.97 8.24
C PHE A 43 -42.77 -29.21 6.87
N HIS A 44 -44.05 -29.66 6.83
CA HIS A 44 -44.82 -30.02 5.63
C HIS A 44 -44.85 -28.93 4.59
N MET A 45 -44.73 -27.68 5.04
CA MET A 45 -44.84 -26.47 4.22
C MET A 45 -43.52 -26.03 3.59
N LEU A 46 -42.38 -26.47 4.14
CA LEU A 46 -41.06 -26.15 3.60
C LEU A 46 -40.87 -26.77 2.24
N SER A 47 -40.20 -26.04 1.35
CA SER A 47 -39.84 -26.56 0.05
C SER A 47 -38.59 -27.46 0.30
N GLY A 48 -38.02 -28.03 -0.75
CA GLY A 48 -36.84 -28.89 -0.65
C GLY A 48 -35.61 -28.14 -0.18
N PRO A 49 -34.58 -28.84 0.38
CA PRO A 49 -33.37 -28.13 0.86
C PRO A 49 -32.75 -27.23 -0.20
N GLU A 50 -32.63 -27.73 -1.43
CA GLU A 50 -32.08 -27.05 -2.58
C GLU A 50 -32.84 -25.79 -2.97
N ALA A 51 -34.09 -25.64 -2.51
CA ALA A 51 -34.89 -24.45 -2.82
C ALA A 51 -34.51 -23.21 -1.96
N TYR A 52 -33.70 -23.43 -0.91
CA TYR A 52 -33.26 -22.43 0.05
C TYR A 52 -31.75 -22.22 0.08
N VAL A 53 -31.32 -21.10 0.67
CA VAL A 53 -29.93 -20.68 0.82
C VAL A 53 -29.73 -20.01 2.21
N PHE A 54 -28.59 -20.27 2.85
CA PHE A 54 -28.27 -19.70 4.15
C PHE A 54 -27.91 -18.22 4.05
N THR A 55 -28.27 -17.48 5.09
CA THR A 55 -28.01 -16.07 5.26
C THR A 55 -27.35 -15.90 6.61
N CYS A 56 -26.31 -15.07 6.67
CA CYS A 56 -25.60 -14.79 7.91
C CYS A 56 -25.18 -13.34 7.95
N ILE A 57 -24.90 -12.84 9.16
CA ILE A 57 -24.38 -11.50 9.40
C ILE A 57 -22.88 -11.72 9.58
N ASN A 58 -22.05 -11.49 8.51
CA ASN A 58 -20.60 -11.71 8.57
C ASN A 58 -19.84 -10.67 9.45
N GLN A 59 -18.52 -10.91 9.64
CA GLN A 59 -17.59 -10.09 10.42
C GLN A 59 -17.71 -8.59 10.14
N THR A 60 -17.91 -8.22 8.83
CA THR A 60 -18.07 -6.85 8.34
C THR A 60 -19.48 -6.25 8.60
N ALA A 61 -20.34 -6.93 9.45
CA ALA A 61 -21.73 -6.51 9.85
C ALA A 61 -22.70 -6.40 8.67
N GLU A 62 -22.50 -7.23 7.65
CA GLU A 62 -23.28 -7.23 6.43
C GLU A 62 -23.96 -8.56 6.23
N GLN A 63 -25.17 -8.53 5.63
CA GLN A 63 -25.95 -9.73 5.30
C GLN A 63 -25.23 -10.45 4.15
N GLN A 64 -25.06 -11.76 4.29
CA GLN A 64 -24.35 -12.55 3.30
C GLN A 64 -25.14 -13.75 2.85
N GLU A 65 -25.34 -13.88 1.53
CA GLU A 65 -26.01 -15.05 0.96
C GLU A 65 -24.93 -16.11 0.78
N LEU A 66 -25.11 -17.28 1.38
CA LEU A 66 -24.09 -18.32 1.34
C LEU A 66 -24.34 -19.34 0.22
N GLU A 67 -24.10 -18.90 -1.03
CA GLU A 67 -24.26 -19.69 -2.26
C GLU A 67 -23.27 -20.88 -2.36
N ASP A 68 -21.96 -20.65 -2.09
CA ASP A 68 -21.01 -21.76 -2.13
C ASP A 68 -21.14 -22.53 -0.84
N GLU A 69 -21.98 -23.58 -0.86
CA GLU A 69 -22.25 -24.43 0.30
C GLU A 69 -21.16 -25.45 0.54
N GLN A 70 -20.04 -25.32 -0.19
CA GLN A 70 -18.85 -26.14 -0.02
C GLN A 70 -17.91 -25.44 0.99
N ARG A 71 -18.23 -24.18 1.36
CA ARG A 71 -17.44 -23.44 2.35
C ARG A 71 -17.76 -23.96 3.73
N ARG A 72 -16.75 -24.06 4.61
CA ARG A 72 -16.95 -24.54 5.97
C ARG A 72 -17.34 -23.36 6.80
N LEU A 73 -18.13 -23.61 7.87
CA LEU A 73 -18.61 -22.59 8.80
C LEU A 73 -17.47 -21.72 9.35
N CYS A 74 -16.30 -22.35 9.64
CA CYS A 74 -15.11 -21.65 10.12
C CYS A 74 -14.59 -20.68 9.06
N ASP A 75 -14.64 -21.07 7.78
CA ASP A 75 -14.24 -20.23 6.67
C ASP A 75 -15.25 -19.11 6.45
N VAL A 76 -16.54 -19.40 6.67
CA VAL A 76 -17.64 -18.42 6.52
C VAL A 76 -17.52 -17.36 7.60
N GLN A 77 -17.27 -17.79 8.84
CA GLN A 77 -17.08 -16.93 10.01
C GLN A 77 -18.21 -15.93 10.21
N PRO A 78 -19.46 -16.37 10.53
CA PRO A 78 -20.53 -15.40 10.78
C PRO A 78 -20.29 -14.75 12.14
N PHE A 79 -20.74 -13.50 12.32
CA PHE A 79 -20.55 -12.76 13.58
C PHE A 79 -21.06 -13.59 14.74
N LEU A 80 -22.37 -13.88 14.77
CA LEU A 80 -22.97 -14.77 15.76
C LEU A 80 -23.33 -16.04 15.02
N PRO A 81 -23.31 -17.25 15.66
CA PRO A 81 -23.65 -18.47 14.90
C PRO A 81 -25.16 -18.58 14.69
N VAL A 82 -25.67 -17.76 13.74
CA VAL A 82 -27.07 -17.60 13.38
C VAL A 82 -27.18 -17.75 11.88
N LEU A 83 -28.10 -18.60 11.44
CA LEU A 83 -28.32 -18.81 10.02
C LEU A 83 -29.81 -18.76 9.71
N ARG A 84 -30.16 -18.13 8.58
CA ARG A 84 -31.55 -17.99 8.13
C ARG A 84 -31.75 -18.53 6.72
N LEU A 85 -32.75 -19.41 6.57
CA LEU A 85 -33.10 -19.92 5.25
C LEU A 85 -33.96 -18.88 4.56
N VAL A 86 -33.54 -18.50 3.37
CA VAL A 86 -34.19 -17.49 2.56
C VAL A 86 -34.40 -18.10 1.16
N ALA A 87 -35.20 -17.46 0.30
CA ALA A 87 -35.47 -17.95 -1.06
C ALA A 87 -34.20 -17.84 -1.91
N ARG A 88 -33.81 -18.96 -2.56
CA ARG A 88 -32.62 -19.07 -3.41
C ARG A 88 -32.61 -18.14 -4.64
N GLU A 89 -33.72 -18.04 -5.38
CA GLU A 89 -33.80 -17.16 -6.56
C GLU A 89 -33.91 -15.67 -6.20
N GLY A 90 -33.44 -14.80 -7.11
CA GLY A 90 -33.51 -13.35 -6.97
C GLY A 90 -32.29 -12.58 -7.45
N ASP A 91 -31.78 -12.89 -8.68
CA ASP A 91 -30.62 -12.26 -9.34
C ASP A 91 -29.32 -12.38 -8.50
N ARG A 92 -29.08 -13.61 -7.97
CA ARG A 92 -27.97 -13.98 -7.09
C ARG A 92 -26.57 -13.54 -7.56
N VAL A 93 -26.40 -13.29 -8.87
CA VAL A 93 -25.15 -12.87 -9.53
C VAL A 93 -24.50 -11.66 -8.85
N LYS A 94 -25.25 -10.55 -8.69
CA LYS A 94 -24.79 -9.33 -8.03
C LYS A 94 -24.61 -9.56 -6.53
N LYS A 95 -25.57 -10.29 -5.90
CA LYS A 95 -25.56 -10.62 -4.48
C LYS A 95 -24.28 -11.38 -4.05
N LEU A 96 -23.78 -12.30 -4.91
CA LEU A 96 -22.54 -13.04 -4.62
C LEU A 96 -21.28 -12.14 -4.75
N ILE A 97 -21.21 -11.34 -5.83
CA ILE A 97 -20.07 -10.47 -6.12
C ILE A 97 -19.96 -9.38 -5.05
N ASN A 98 -21.06 -8.67 -4.74
CA ASN A 98 -21.09 -7.61 -3.73
C ASN A 98 -20.58 -8.08 -2.37
N SER A 99 -20.97 -9.29 -1.94
CA SER A 99 -20.57 -9.93 -0.69
C SER A 99 -19.07 -10.29 -0.71
N GLN A 100 -18.62 -11.02 -1.76
CA GLN A 100 -17.23 -11.44 -1.94
C GLN A 100 -16.25 -10.27 -2.10
N ILE A 101 -16.74 -9.05 -2.45
CA ILE A 101 -15.93 -7.82 -2.53
C ILE A 101 -15.63 -7.38 -1.11
N SER A 102 -16.69 -7.21 -0.27
CA SER A 102 -16.60 -6.77 1.13
C SER A 102 -15.60 -7.58 1.96
N LEU A 103 -15.53 -8.90 1.71
CA LEU A 103 -14.61 -9.79 2.39
C LEU A 103 -13.18 -9.56 1.90
N LEU A 104 -13.03 -9.46 0.57
CA LEU A 104 -11.78 -9.32 -0.16
C LEU A 104 -11.08 -7.99 0.04
N ILE A 105 -11.82 -6.87 0.06
CA ILE A 105 -11.25 -5.54 0.21
C ILE A 105 -11.06 -5.12 1.69
N GLY A 106 -11.51 -5.98 2.62
CA GLY A 106 -11.40 -5.78 4.06
C GLY A 106 -12.22 -4.64 4.65
N LYS A 107 -13.32 -4.27 3.98
CA LYS A 107 -14.27 -3.23 4.39
C LYS A 107 -15.63 -3.53 3.73
N GLY A 108 -16.72 -3.40 4.50
CA GLY A 108 -18.07 -3.66 4.01
C GLY A 108 -18.56 -2.56 3.09
N LEU A 109 -19.18 -2.92 1.95
CA LEU A 109 -19.69 -1.93 0.99
C LEU A 109 -20.78 -1.04 1.58
N HIS A 110 -21.47 -1.52 2.63
CA HIS A 110 -22.51 -0.78 3.33
C HIS A 110 -21.90 0.40 4.07
N GLU A 111 -20.60 0.31 4.46
CA GLU A 111 -19.88 1.41 5.11
C GLU A 111 -19.81 2.60 4.16
N PHE A 112 -19.80 2.35 2.81
CA PHE A 112 -19.82 3.38 1.76
C PHE A 112 -21.21 4.03 1.62
N ASP A 113 -22.28 3.22 1.73
CA ASP A 113 -23.66 3.69 1.66
C ASP A 113 -23.97 4.55 2.90
N SER A 114 -23.57 4.06 4.11
CA SER A 114 -23.74 4.73 5.41
C SER A 114 -23.34 6.20 5.38
N LEU A 115 -22.22 6.54 4.72
CA LEU A 115 -21.64 7.89 4.62
C LEU A 115 -22.62 8.97 4.13
N CYS A 116 -23.57 8.61 3.24
CA CYS A 116 -24.58 9.51 2.67
C CYS A 116 -23.96 10.68 1.87
N ASP A 117 -22.78 10.45 1.28
CA ASP A 117 -22.05 11.44 0.49
C ASP A 117 -22.32 11.22 -1.00
N PRO A 118 -22.80 12.26 -1.73
CA PRO A 118 -23.00 12.10 -3.18
C PRO A 118 -21.71 11.80 -3.94
N GLU A 119 -20.56 12.35 -3.47
CA GLU A 119 -19.23 12.15 -4.07
C GLU A 119 -18.85 10.66 -4.10
N VAL A 120 -19.08 9.97 -2.98
CA VAL A 120 -18.83 8.54 -2.81
C VAL A 120 -19.74 7.75 -3.76
N ASN A 121 -21.04 8.08 -3.77
CA ASN A 121 -22.06 7.42 -4.56
C ASN A 121 -21.92 7.63 -6.08
N ASP A 122 -21.41 8.81 -6.49
CA ASP A 122 -21.15 9.09 -7.90
C ASP A 122 -19.91 8.32 -8.35
N PHE A 123 -18.86 8.25 -7.48
CA PHE A 123 -17.64 7.50 -7.78
C PHE A 123 -18.03 6.06 -8.08
N ARG A 124 -18.76 5.42 -7.16
CA ARG A 124 -19.24 4.04 -7.28
C ARG A 124 -20.04 3.79 -8.58
N ALA A 125 -20.98 4.68 -8.92
CA ALA A 125 -21.80 4.58 -10.13
C ALA A 125 -20.94 4.65 -11.41
N LYS A 126 -20.07 5.69 -11.53
CA LYS A 126 -19.22 5.87 -12.71
C LYS A 126 -18.13 4.82 -12.85
N MET A 127 -17.40 4.56 -11.77
CA MET A 127 -16.27 3.65 -11.77
C MET A 127 -16.65 2.20 -11.89
N CYS A 128 -17.70 1.75 -11.18
CA CYS A 128 -18.08 0.35 -11.29
C CYS A 128 -18.61 0.04 -12.70
N GLN A 129 -19.36 0.99 -13.32
CA GLN A 129 -19.89 0.82 -14.68
C GLN A 129 -18.78 0.73 -15.73
N PHE A 130 -17.86 1.71 -15.73
CA PHE A 130 -16.68 1.80 -16.60
C PHE A 130 -15.88 0.49 -16.55
N CYS A 131 -15.68 -0.03 -15.32
CA CYS A 131 -14.95 -1.27 -15.05
C CYS A 131 -15.71 -2.48 -15.56
N GLU A 132 -17.04 -2.56 -15.29
CA GLU A 132 -17.91 -3.65 -15.78
C GLU A 132 -17.91 -3.70 -17.31
N GLU A 133 -17.97 -2.49 -17.98
CA GLU A 133 -17.94 -2.31 -19.43
C GLU A 133 -16.65 -2.87 -20.04
N ALA A 134 -15.48 -2.49 -19.46
CA ALA A 134 -14.16 -2.96 -19.87
C ALA A 134 -14.06 -4.49 -19.73
N ALA A 135 -14.62 -5.07 -18.64
CA ALA A 135 -14.64 -6.50 -18.39
C ALA A 135 -15.46 -7.25 -19.45
N ALA A 136 -16.65 -6.70 -19.80
CA ALA A 136 -17.52 -7.27 -20.83
C ALA A 136 -16.82 -7.17 -22.19
N ARG A 137 -16.25 -5.98 -22.50
CA ARG A 137 -15.49 -5.69 -23.71
C ARG A 137 -14.29 -6.65 -23.88
N ARG A 138 -13.68 -7.07 -22.74
CA ARG A 138 -12.55 -8.00 -22.64
C ARG A 138 -12.98 -9.39 -23.04
N GLN A 139 -14.15 -9.82 -22.56
CA GLN A 139 -14.75 -11.13 -22.85
C GLN A 139 -15.03 -11.26 -24.34
N GLN A 140 -15.42 -10.14 -25.00
CA GLN A 140 -15.71 -10.06 -26.42
C GLN A 140 -14.49 -10.41 -27.26
N LEU A 141 -13.33 -9.75 -26.99
CA LEU A 141 -12.04 -9.93 -27.67
C LEU A 141 -11.58 -11.39 -27.89
N GLY A 142 -10.67 -11.58 -28.83
CA GLY A 142 -10.14 -12.89 -29.21
C GLY A 142 -9.32 -13.62 -28.17
N TRP A 143 -8.78 -14.81 -28.56
CA TRP A 143 -7.95 -15.67 -27.74
C TRP A 143 -6.56 -15.03 -27.52
N GLU A 144 -6.02 -14.36 -28.57
CA GLU A 144 -4.72 -13.70 -28.53
C GLU A 144 -4.69 -12.53 -27.53
N ALA A 145 -5.73 -11.66 -27.57
CA ALA A 145 -5.87 -10.49 -26.70
C ALA A 145 -5.98 -10.89 -25.23
N TRP A 146 -6.88 -11.84 -24.91
CA TRP A 146 -7.12 -12.33 -23.56
C TRP A 146 -5.86 -12.97 -22.95
N LEU A 147 -5.01 -13.56 -23.80
CA LEU A 147 -3.76 -14.20 -23.42
C LEU A 147 -2.73 -13.13 -22.99
N GLN A 148 -2.72 -11.99 -23.69
CA GLN A 148 -1.90 -10.80 -23.45
C GLN A 148 -2.39 -10.10 -22.14
N TYR A 149 -3.71 -10.22 -21.84
CA TYR A 149 -4.32 -9.67 -20.63
C TYR A 149 -3.95 -10.49 -19.40
N SER A 150 -4.31 -11.78 -19.38
CA SER A 150 -4.08 -12.65 -18.22
C SER A 150 -2.62 -13.04 -18.01
N PHE A 151 -1.92 -13.41 -19.10
CA PHE A 151 -0.52 -13.82 -19.01
C PHE A 151 0.37 -12.89 -19.87
N PRO A 152 0.57 -11.59 -19.48
CA PRO A 152 1.43 -10.71 -20.28
C PRO A 152 2.85 -11.22 -20.31
N LEU A 153 3.57 -10.90 -21.38
CA LEU A 153 4.92 -11.37 -21.61
C LEU A 153 5.89 -10.91 -20.55
N GLN A 154 6.72 -11.84 -20.07
CA GLN A 154 7.76 -11.54 -19.09
C GLN A 154 9.08 -11.68 -19.83
N LEU A 155 9.52 -10.57 -20.42
CA LEU A 155 10.73 -10.50 -21.23
C LEU A 155 11.84 -9.82 -20.45
N GLU A 156 13.09 -10.06 -20.87
CA GLU A 156 14.28 -9.45 -20.30
C GLU A 156 14.54 -8.10 -21.00
N PRO A 157 15.21 -7.10 -20.35
CA PRO A 157 15.43 -5.80 -21.02
C PRO A 157 16.41 -5.90 -22.20
N LEU A 169 24.06 -9.01 -28.41
CA LEU A 169 23.67 -10.35 -28.00
C LEU A 169 24.17 -11.44 -28.99
N PRO A 170 24.70 -12.59 -28.49
CA PRO A 170 25.15 -13.63 -29.43
C PRO A 170 24.03 -14.61 -29.85
N ASN A 171 24.26 -15.36 -30.95
CA ASN A 171 23.30 -16.34 -31.47
C ASN A 171 23.84 -17.78 -31.36
N ARG A 172 23.54 -18.45 -30.23
CA ARG A 172 23.98 -19.81 -29.91
C ARG A 172 22.91 -20.89 -30.21
N ALA A 173 23.15 -22.14 -29.77
CA ALA A 173 22.26 -23.29 -29.97
C ALA A 173 21.60 -23.73 -28.66
N LEU A 174 20.26 -23.78 -28.64
CA LEU A 174 19.50 -24.15 -27.46
C LEU A 174 18.72 -25.45 -27.65
N LEU A 175 18.94 -26.43 -26.75
CA LEU A 175 18.22 -27.72 -26.74
C LEU A 175 16.96 -27.51 -25.89
N VAL A 176 15.81 -27.41 -26.56
CA VAL A 176 14.51 -27.15 -25.92
C VAL A 176 13.56 -28.36 -26.00
N ASN A 177 12.90 -28.68 -24.88
CA ASN A 177 11.92 -29.76 -24.78
C ASN A 177 10.53 -29.23 -25.19
N VAL A 178 9.63 -30.12 -25.62
CA VAL A 178 8.26 -29.80 -25.99
C VAL A 178 7.34 -30.95 -25.55
N LYS A 179 6.03 -30.68 -25.39
CA LYS A 179 5.01 -31.65 -24.96
C LYS A 179 3.62 -31.16 -25.37
N PHE A 180 2.56 -31.94 -25.06
CA PHE A 180 1.16 -31.63 -25.33
C PHE A 180 0.29 -31.98 -24.11
N GLU A 181 -0.84 -31.25 -23.93
CA GLU A 181 -1.76 -31.41 -22.80
C GLU A 181 -2.32 -32.83 -22.65
N GLY A 182 -2.11 -33.42 -21.47
CA GLY A 182 -2.53 -34.79 -21.14
C GLY A 182 -1.50 -35.85 -21.48
N SER A 183 -0.79 -35.67 -22.63
CA SER A 183 0.26 -36.54 -23.17
C SER A 183 1.55 -36.50 -22.32
N GLU A 184 2.02 -37.69 -21.89
CA GLU A 184 3.26 -37.83 -21.11
C GLU A 184 4.46 -38.16 -22.03
N GLU A 185 4.34 -37.82 -23.33
CA GLU A 185 5.34 -38.05 -24.38
C GLU A 185 5.97 -36.71 -24.83
N SER A 186 7.31 -36.61 -24.73
CA SER A 186 8.08 -35.40 -25.06
C SER A 186 8.99 -35.53 -26.30
N PHE A 187 9.01 -34.47 -27.14
CA PHE A 187 9.79 -34.38 -28.37
C PHE A 187 10.89 -33.30 -28.30
N THR A 188 12.04 -33.65 -27.68
CA THR A 188 13.20 -32.76 -27.49
C THR A 188 13.95 -32.52 -28.82
N PHE A 189 13.99 -31.24 -29.24
CA PHE A 189 14.66 -30.80 -30.47
C PHE A 189 15.35 -29.45 -30.27
N GLN A 190 16.51 -29.23 -30.92
CA GLN A 190 17.25 -27.98 -30.80
C GLN A 190 16.71 -26.89 -31.74
N VAL A 191 16.91 -25.61 -31.37
CA VAL A 191 16.50 -24.44 -32.14
C VAL A 191 17.44 -23.24 -31.85
N SER A 192 17.47 -22.23 -32.75
CA SER A 192 18.29 -21.03 -32.63
C SER A 192 17.92 -20.20 -31.40
N THR A 193 18.93 -19.54 -30.80
CA THR A 193 18.78 -18.69 -29.62
C THR A 193 17.94 -17.45 -29.98
N LYS A 194 18.15 -16.89 -31.19
CA LYS A 194 17.42 -15.72 -31.67
C LYS A 194 16.19 -16.08 -32.54
N ASP A 195 15.58 -17.27 -32.29
CA ASP A 195 14.39 -17.74 -33.03
C ASP A 195 13.06 -17.40 -32.37
N VAL A 196 12.14 -16.76 -33.15
CA VAL A 196 10.79 -16.35 -32.75
C VAL A 196 9.91 -17.58 -32.38
N PRO A 197 8.97 -17.49 -31.39
CA PRO A 197 8.17 -18.68 -31.02
C PRO A 197 7.27 -19.28 -32.12
N LEU A 198 7.00 -18.52 -33.20
CA LEU A 198 6.21 -19.00 -34.34
C LEU A 198 6.96 -20.13 -35.04
N ALA A 199 8.31 -19.97 -35.17
CA ALA A 199 9.21 -20.97 -35.76
C ALA A 199 9.42 -22.15 -34.80
N LEU A 200 9.57 -21.87 -33.48
CA LEU A 200 9.78 -22.87 -32.43
C LEU A 200 8.61 -23.87 -32.31
N MET A 201 7.41 -23.44 -32.70
CA MET A 201 6.20 -24.26 -32.69
C MET A 201 6.02 -24.99 -34.01
N ALA A 202 6.38 -24.33 -35.14
CA ALA A 202 6.30 -24.86 -36.50
C ALA A 202 7.24 -26.04 -36.67
N CYS A 203 8.45 -25.95 -36.08
CA CYS A 203 9.48 -26.99 -36.08
C CYS A 203 9.00 -28.20 -35.26
N ALA A 204 8.06 -27.98 -34.32
CA ALA A 204 7.46 -29.01 -33.47
C ALA A 204 6.19 -29.60 -34.09
N LEU A 205 5.45 -28.78 -34.90
CA LEU A 205 4.22 -29.19 -35.59
C LEU A 205 4.52 -30.29 -36.61
N ARG A 206 5.64 -30.14 -37.34
CA ARG A 206 6.14 -31.11 -38.32
C ARG A 206 6.72 -32.33 -37.59
N LYS A 207 7.37 -32.10 -36.42
CA LYS A 207 7.96 -33.15 -35.58
C LYS A 207 6.88 -33.96 -34.84
N LYS A 208 5.66 -33.41 -34.72
CA LYS A 208 4.53 -34.07 -34.05
C LYS A 208 3.95 -35.21 -34.89
N ALA A 209 3.72 -34.96 -36.21
CA ALA A 209 3.17 -35.93 -37.15
C ALA A 209 4.14 -37.08 -37.46
N THR A 210 5.45 -36.78 -37.58
CA THR A 210 6.50 -37.76 -37.87
C THR A 210 6.94 -38.47 -36.58
N LEU A 225 4.50 -21.58 -26.67
CA LEU A 225 3.29 -21.50 -25.85
C LEU A 225 3.40 -22.32 -24.55
N GLN A 226 3.11 -21.67 -23.40
CA GLN A 226 3.07 -22.14 -22.00
C GLN A 226 4.25 -22.99 -21.46
N VAL A 227 4.84 -22.50 -20.35
CA VAL A 227 5.88 -23.19 -19.58
C VAL A 227 5.10 -24.04 -18.59
N ASN A 228 5.34 -25.36 -18.53
CA ASN A 228 4.61 -26.24 -17.60
C ASN A 228 5.03 -26.01 -16.15
N GLY A 229 4.03 -25.99 -15.26
CA GLY A 229 4.20 -25.73 -13.82
C GLY A 229 4.22 -24.25 -13.50
N ARG A 230 3.87 -23.42 -14.51
CA ARG A 230 3.82 -21.96 -14.49
C ARG A 230 2.69 -21.43 -15.35
N HIS A 231 2.27 -20.19 -15.06
CA HIS A 231 1.28 -19.46 -15.82
C HIS A 231 2.05 -18.43 -16.69
N GLU A 232 3.15 -18.86 -17.34
CA GLU A 232 3.99 -18.06 -18.21
C GLU A 232 3.90 -18.61 -19.65
N TYR A 233 3.57 -17.74 -20.63
CA TYR A 233 3.42 -18.16 -22.03
C TYR A 233 4.48 -17.55 -22.95
N LEU A 234 4.80 -18.28 -24.04
CA LEU A 234 5.81 -17.90 -25.04
C LEU A 234 5.13 -17.62 -26.37
N TYR A 235 4.84 -16.34 -26.64
CA TYR A 235 4.18 -15.89 -27.87
C TYR A 235 4.73 -14.52 -28.32
N GLY A 236 4.16 -13.97 -29.38
CA GLY A 236 4.54 -12.68 -29.93
C GLY A 236 5.80 -12.69 -30.78
N SER A 237 6.05 -11.56 -31.45
CA SER A 237 7.17 -11.34 -32.36
C SER A 237 8.55 -11.08 -31.66
N TYR A 238 8.89 -11.85 -30.61
CA TYR A 238 10.15 -11.71 -29.86
C TYR A 238 11.09 -12.93 -29.99
N PRO A 239 12.44 -12.81 -29.89
CA PRO A 239 13.28 -14.02 -30.00
C PRO A 239 13.23 -14.85 -28.73
N LEU A 240 13.36 -16.19 -28.86
CA LEU A 240 13.30 -17.09 -27.70
C LEU A 240 14.17 -16.64 -26.52
N CYS A 241 15.40 -16.14 -26.76
CA CYS A 241 16.31 -15.71 -25.69
C CYS A 241 15.88 -14.41 -24.99
N GLN A 242 15.04 -13.55 -25.62
CA GLN A 242 14.56 -12.30 -24.97
C GLN A 242 13.50 -12.55 -23.87
N PHE A 243 13.09 -13.82 -23.63
CA PHE A 243 12.12 -14.24 -22.61
C PHE A 243 12.86 -14.58 -21.32
N GLN A 244 12.22 -14.35 -20.15
CA GLN A 244 12.83 -14.60 -18.83
C GLN A 244 13.09 -16.08 -18.51
N TYR A 245 12.20 -17.02 -18.93
CA TYR A 245 12.38 -18.46 -18.68
C TYR A 245 13.56 -19.02 -19.46
N ILE A 246 13.67 -18.68 -20.76
CA ILE A 246 14.74 -19.12 -21.64
C ILE A 246 16.08 -18.59 -21.13
N CYS A 247 16.12 -17.29 -20.77
CA CYS A 247 17.29 -16.58 -20.22
C CYS A 247 17.85 -17.26 -18.97
N SER A 248 16.97 -17.66 -18.04
CA SER A 248 17.34 -18.34 -16.80
C SER A 248 17.83 -19.74 -17.11
N CYS A 249 17.18 -20.43 -18.07
CA CYS A 249 17.53 -21.78 -18.54
C CYS A 249 18.93 -21.81 -19.15
N LEU A 250 19.28 -20.80 -19.97
CA LEU A 250 20.59 -20.67 -20.62
C LEU A 250 21.76 -20.52 -19.61
N HIS A 251 21.63 -19.60 -18.65
CA HIS A 251 22.64 -19.35 -17.61
C HIS A 251 22.73 -20.47 -16.57
N SER A 252 21.58 -21.00 -16.12
CA SER A 252 21.51 -22.09 -15.13
C SER A 252 21.79 -23.48 -15.75
N GLY A 253 21.94 -23.53 -17.08
CA GLY A 253 22.25 -24.74 -17.84
C GLY A 253 21.04 -25.53 -18.31
N LEU A 254 20.04 -25.73 -17.42
CA LEU A 254 18.79 -26.48 -17.60
C LEU A 254 18.08 -26.24 -18.95
N THR A 255 17.45 -27.30 -19.51
CA THR A 255 16.73 -27.26 -20.79
C THR A 255 15.27 -26.81 -20.59
N PRO A 256 14.74 -25.91 -21.45
CA PRO A 256 13.36 -25.44 -21.26
C PRO A 256 12.28 -26.47 -21.63
N HIS A 257 11.39 -26.76 -20.66
CA HIS A 257 10.28 -27.70 -20.85
C HIS A 257 8.99 -26.92 -21.04
N LEU A 258 8.42 -27.02 -22.25
CA LEU A 258 7.20 -26.31 -22.65
C LEU A 258 6.08 -27.28 -23.07
N THR A 259 4.81 -26.81 -23.05
CA THR A 259 3.62 -27.59 -23.42
C THR A 259 2.86 -26.85 -24.52
N MET A 260 2.82 -27.43 -25.74
CA MET A 260 2.13 -26.84 -26.88
C MET A 260 0.62 -26.89 -26.71
N VAL A 261 -0.03 -25.71 -26.76
CA VAL A 261 -1.48 -25.52 -26.59
C VAL A 261 -2.00 -24.49 -27.60
N HIS A 262 -3.24 -24.70 -28.10
CA HIS A 262 -3.92 -23.78 -29.02
C HIS A 262 -5.31 -23.38 -28.46
N SER A 263 -6.00 -22.45 -29.15
CA SER A 263 -7.30 -21.83 -28.87
C SER A 263 -8.23 -22.57 -27.87
N SER A 264 -8.43 -23.89 -28.06
CA SER A 264 -9.29 -24.80 -27.28
C SER A 264 -9.13 -24.68 -25.75
N SER A 265 -7.91 -24.88 -25.23
CA SER A 265 -7.62 -24.85 -23.79
C SER A 265 -7.67 -23.43 -23.20
N ILE A 266 -7.32 -22.40 -24.02
CA ILE A 266 -7.33 -20.98 -23.64
C ILE A 266 -8.76 -20.48 -23.38
N LEU A 267 -9.71 -20.87 -24.25
CA LEU A 267 -11.13 -20.49 -24.12
C LEU A 267 -11.79 -21.13 -22.93
N ALA A 268 -11.27 -22.30 -22.48
CA ALA A 268 -11.75 -23.01 -21.29
C ALA A 268 -11.38 -22.19 -20.03
N MET A 269 -10.15 -21.59 -20.03
CA MET A 269 -9.62 -20.72 -18.97
C MET A 269 -10.44 -19.42 -18.93
N ARG A 270 -10.62 -18.78 -20.12
CA ARG A 270 -11.35 -17.54 -20.36
C ARG A 270 -12.81 -17.62 -19.85
N ASP A 271 -13.41 -18.82 -19.86
CA ASP A 271 -14.79 -19.02 -19.45
C ASP A 271 -14.92 -20.14 -18.42
N LEU A 300 -18.63 32.83 -9.11
CA LEU A 300 -18.41 33.84 -10.16
C LEU A 300 -17.23 34.75 -9.85
N TRP A 301 -16.62 35.32 -10.91
CA TRP A 301 -15.49 36.25 -10.80
C TRP A 301 -15.93 37.69 -10.44
N SER A 302 -17.23 37.84 -10.10
CA SER A 302 -17.89 39.08 -9.70
C SER A 302 -17.83 39.34 -8.19
N LEU A 303 -17.89 38.26 -7.36
CA LEU A 303 -17.84 38.34 -5.90
C LEU A 303 -16.49 38.88 -5.40
N GLU A 304 -16.37 40.21 -5.33
CA GLU A 304 -15.12 40.88 -4.92
C GLU A 304 -15.07 41.21 -3.41
N GLN A 305 -15.75 40.39 -2.58
CA GLN A 305 -15.78 40.51 -1.12
C GLN A 305 -14.76 39.54 -0.47
N PRO A 306 -14.06 39.91 0.63
CA PRO A 306 -13.07 38.98 1.24
C PRO A 306 -13.67 37.67 1.75
N PHE A 307 -12.83 36.61 1.77
CA PHE A 307 -13.22 35.27 2.23
C PHE A 307 -13.45 35.27 3.75
N ARG A 308 -14.65 34.83 4.17
CA ARG A 308 -15.07 34.77 5.56
C ARG A 308 -15.35 33.33 6.03
N ILE A 309 -15.13 33.06 7.33
CA ILE A 309 -15.41 31.77 7.95
C ILE A 309 -15.94 31.94 9.39
N GLU A 310 -17.08 31.30 9.68
CA GLU A 310 -17.69 31.35 10.99
C GLU A 310 -17.19 30.22 11.90
N LEU A 311 -16.11 30.50 12.64
CA LEU A 311 -15.57 29.52 13.60
C LEU A 311 -16.52 29.52 14.82
N ILE A 312 -17.44 28.56 14.82
CA ILE A 312 -18.46 28.49 15.85
C ILE A 312 -18.01 27.67 17.08
N GLN A 313 -17.97 26.33 16.98
CA GLN A 313 -17.69 25.45 18.10
C GLN A 313 -16.55 24.44 17.88
N GLY A 314 -16.18 23.78 18.97
CA GLY A 314 -15.22 22.69 19.05
C GLY A 314 -15.92 21.56 19.77
N SER A 315 -15.45 20.32 19.60
CA SER A 315 -16.08 19.15 20.24
C SER A 315 -15.05 18.11 20.68
N LYS A 316 -15.35 17.36 21.74
CA LYS A 316 -14.55 16.28 22.35
C LYS A 316 -13.02 16.58 22.48
N VAL A 317 -12.68 17.85 22.82
CA VAL A 317 -11.30 18.33 23.01
C VAL A 317 -10.72 17.79 24.32
N ASN A 318 -9.48 17.30 24.30
CA ASN A 318 -8.82 16.74 25.47
C ASN A 318 -7.44 17.39 25.69
N ALA A 319 -7.35 18.32 26.65
CA ALA A 319 -6.12 19.02 26.99
C ALA A 319 -6.06 19.39 28.49
N ASP A 320 -4.93 20.00 28.94
CA ASP A 320 -4.76 20.45 30.32
C ASP A 320 -5.63 21.69 30.52
N GLU A 321 -6.49 21.67 31.56
CA GLU A 321 -7.43 22.73 31.88
C GLU A 321 -6.78 24.09 32.27
N ARG A 322 -5.46 24.10 32.56
CA ARG A 322 -4.68 25.31 32.94
C ARG A 322 -4.36 26.23 31.73
N MET A 323 -4.64 25.75 30.50
CA MET A 323 -4.34 26.42 29.23
C MET A 323 -5.54 27.14 28.61
N LYS A 324 -5.32 27.77 27.44
CA LYS A 324 -6.31 28.40 26.58
C LYS A 324 -6.30 27.62 25.25
N LEU A 325 -7.23 27.93 24.32
CA LEU A 325 -7.30 27.21 23.04
C LEU A 325 -7.44 28.16 21.87
N VAL A 326 -6.48 28.09 20.93
CA VAL A 326 -6.49 28.92 19.72
C VAL A 326 -6.65 28.02 18.49
N VAL A 327 -7.36 28.52 17.47
CA VAL A 327 -7.57 27.86 16.19
C VAL A 327 -6.96 28.74 15.10
N GLN A 328 -5.83 28.30 14.54
CA GLN A 328 -5.15 29.00 13.46
C GLN A 328 -5.72 28.47 12.15
N ALA A 329 -5.95 29.38 11.20
CA ALA A 329 -6.49 29.04 9.89
C ALA A 329 -5.83 29.85 8.79
N GLY A 330 -5.38 29.15 7.76
CA GLY A 330 -4.76 29.73 6.59
C GLY A 330 -5.32 29.10 5.34
N LEU A 331 -5.14 29.79 4.20
CA LEU A 331 -5.59 29.26 2.91
C LEU A 331 -4.40 28.77 2.13
N PHE A 332 -4.53 27.59 1.48
CA PHE A 332 -3.43 26.98 0.71
C PHE A 332 -3.82 26.42 -0.64
N HIS A 333 -2.87 26.48 -1.59
CA HIS A 333 -2.94 25.85 -2.90
C HIS A 333 -1.61 25.10 -3.00
N GLY A 334 -1.64 23.83 -2.62
CA GLY A 334 -0.45 22.99 -2.57
C GLY A 334 0.33 23.29 -1.30
N ASN A 335 1.59 23.71 -1.44
CA ASN A 335 2.46 24.06 -0.31
C ASN A 335 2.52 25.58 -0.02
N GLU A 336 2.05 26.41 -0.98
CA GLU A 336 2.05 27.87 -0.90
C GLU A 336 0.81 28.45 -0.20
N MET A 337 1.00 29.59 0.50
CA MET A 337 -0.11 30.27 1.16
C MET A 337 -0.81 31.18 0.16
N LEU A 338 -2.13 31.24 0.25
CA LEU A 338 -2.93 32.11 -0.61
C LEU A 338 -3.08 33.51 0.03
N CYS A 339 -2.91 33.57 1.37
CA CYS A 339 -2.98 34.78 2.19
C CYS A 339 -2.25 34.59 3.54
N LYS A 340 -2.51 35.45 4.54
CA LYS A 340 -1.91 35.42 5.87
C LYS A 340 -2.68 34.53 6.87
N THR A 341 -1.94 33.84 7.76
CA THR A 341 -2.46 32.91 8.78
C THR A 341 -3.28 33.62 9.87
N VAL A 342 -4.57 33.87 9.58
CA VAL A 342 -5.54 34.51 10.47
C VAL A 342 -5.84 33.59 11.66
N SER A 343 -5.68 34.08 12.91
CA SER A 343 -5.91 33.27 14.12
C SER A 343 -7.14 33.71 14.94
N SER A 344 -7.62 32.80 15.81
CA SER A 344 -8.77 33.01 16.71
C SER A 344 -8.38 33.57 18.09
N SER A 345 -9.41 33.85 18.91
CA SER A 345 -9.24 34.35 20.27
C SER A 345 -9.04 33.17 21.23
N GLU A 346 -8.34 33.42 22.36
CA GLU A 346 -8.07 32.43 23.39
C GLU A 346 -9.37 32.18 24.20
N VAL A 347 -9.72 30.90 24.40
CA VAL A 347 -10.91 30.40 25.09
C VAL A 347 -10.44 29.32 26.06
N SER A 348 -11.05 29.24 27.25
CA SER A 348 -10.69 28.27 28.30
C SER A 348 -10.77 26.80 27.83
N VAL A 349 -9.82 25.95 28.30
CA VAL A 349 -9.75 24.52 27.96
C VAL A 349 -10.92 23.75 28.53
N CYS A 350 -11.73 23.20 27.63
CA CYS A 350 -12.90 22.36 27.90
C CYS A 350 -13.13 21.43 26.69
N SER A 351 -13.98 20.40 26.89
CA SER A 351 -14.34 19.44 25.86
C SER A 351 -15.05 20.11 24.66
N GLU A 352 -16.01 21.02 24.92
CA GLU A 352 -16.79 21.70 23.88
C GLU A 352 -16.56 23.24 23.86
N PRO A 353 -15.44 23.75 23.31
CA PRO A 353 -15.23 25.21 23.32
C PRO A 353 -16.09 25.97 22.32
N VAL A 354 -16.47 27.21 22.68
CA VAL A 354 -17.29 28.07 21.82
C VAL A 354 -16.54 29.35 21.48
N TRP A 355 -16.51 29.69 20.18
CA TRP A 355 -15.86 30.89 19.67
C TRP A 355 -16.86 31.84 19.04
N LYS A 356 -17.74 31.33 18.13
CA LYS A 356 -18.76 32.11 17.38
C LYS A 356 -18.13 33.41 16.79
N GLN A 357 -16.87 33.27 16.33
CA GLN A 357 -16.02 34.33 15.81
C GLN A 357 -15.92 34.27 14.30
N ARG A 358 -15.77 35.45 13.67
CA ARG A 358 -15.63 35.56 12.22
C ARG A 358 -14.16 35.77 11.88
N LEU A 359 -13.65 34.96 10.92
CA LEU A 359 -12.27 35.04 10.45
C LEU A 359 -12.29 35.47 8.99
N GLU A 360 -11.71 36.64 8.71
CA GLU A 360 -11.66 37.25 7.39
C GLU A 360 -10.22 37.19 6.87
N PHE A 361 -10.07 36.66 5.65
CA PHE A 361 -8.77 36.45 5.00
C PHE A 361 -8.47 37.50 3.94
N ASP A 362 -7.19 37.88 3.79
CA ASP A 362 -6.75 38.86 2.80
C ASP A 362 -6.69 38.24 1.37
N ILE A 363 -7.89 37.90 0.86
CA ILE A 363 -8.14 37.33 -0.46
C ILE A 363 -9.64 37.43 -0.76
N ASN A 364 -9.99 38.16 -1.83
CA ASN A 364 -11.38 38.32 -2.23
C ASN A 364 -11.83 37.06 -2.96
N ILE A 365 -13.00 36.50 -2.57
CA ILE A 365 -13.64 35.26 -3.04
C ILE A 365 -13.36 34.91 -4.53
N CYS A 366 -13.40 35.91 -5.43
CA CYS A 366 -13.16 35.69 -6.87
C CYS A 366 -11.71 35.23 -7.22
N ASP A 367 -10.72 35.55 -6.35
CA ASP A 367 -9.30 35.22 -6.49
C ASP A 367 -8.93 33.80 -5.99
N LEU A 368 -9.90 33.09 -5.36
CA LEU A 368 -9.68 31.74 -4.86
C LEU A 368 -9.43 30.74 -6.01
N PRO A 369 -8.35 29.93 -5.97
CA PRO A 369 -8.13 28.93 -7.05
C PRO A 369 -9.07 27.73 -6.87
N ARG A 370 -9.18 26.86 -7.89
CA ARG A 370 -10.06 25.68 -7.87
C ARG A 370 -9.74 24.71 -6.74
N MET A 371 -8.44 24.53 -6.46
CA MET A 371 -7.94 23.60 -5.46
C MET A 371 -7.57 24.26 -4.13
N ALA A 372 -8.27 25.34 -3.77
CA ALA A 372 -8.09 26.08 -2.52
C ALA A 372 -8.41 25.22 -1.29
N ARG A 373 -7.50 25.21 -0.31
CA ARG A 373 -7.63 24.43 0.91
C ARG A 373 -7.64 25.29 2.18
N LEU A 374 -8.74 25.21 2.94
CA LEU A 374 -8.87 25.91 4.22
C LEU A 374 -8.35 24.91 5.23
N CYS A 375 -7.19 25.23 5.78
CA CYS A 375 -6.50 24.37 6.73
C CYS A 375 -6.66 24.90 8.12
N PHE A 376 -6.94 24.01 9.06
CA PHE A 376 -7.15 24.31 10.47
C PHE A 376 -6.20 23.53 11.36
N ALA A 377 -5.90 24.11 12.53
CA ALA A 377 -5.07 23.51 13.57
C ALA A 377 -5.53 24.05 14.93
N LEU A 378 -5.83 23.15 15.88
CA LEU A 378 -6.25 23.53 17.21
C LEU A 378 -5.01 23.43 18.09
N TYR A 379 -4.63 24.56 18.70
CA TYR A 379 -3.46 24.72 19.56
C TYR A 379 -3.85 25.03 20.99
N ALA A 380 -3.11 24.47 21.96
CA ALA A 380 -3.31 24.75 23.39
C ALA A 380 -2.14 25.62 23.87
N VAL A 381 -2.42 26.92 24.08
CA VAL A 381 -1.44 27.93 24.50
C VAL A 381 -1.64 28.30 25.99
N ILE A 382 -0.53 28.44 26.75
CA ILE A 382 -0.57 28.81 28.17
C ILE A 382 -0.82 30.34 28.28
N GLU A 383 -2.14 30.72 28.27
CA GLU A 383 -2.74 32.06 28.35
C GLU A 383 -1.92 33.17 27.60
N LYS A 384 -1.23 34.09 28.32
CA LYS A 384 -0.42 35.18 27.75
C LYS A 384 0.62 35.68 28.77
N ALA A 398 6.51 26.43 25.03
CA ALA A 398 6.25 25.79 23.75
C ALA A 398 4.75 25.49 23.54
N ASP A 399 4.19 25.97 22.39
CA ASP A 399 2.79 25.76 22.01
C ASP A 399 2.49 24.29 21.67
N CYS A 400 1.32 23.78 22.10
CA CYS A 400 0.90 22.39 21.91
C CYS A 400 -0.09 22.20 20.75
N PRO A 401 0.33 21.55 19.62
CA PRO A 401 -0.63 21.28 18.53
C PRO A 401 -1.47 20.06 18.90
N ILE A 402 -2.79 20.27 19.07
CA ILE A 402 -3.75 19.23 19.45
C ILE A 402 -4.15 18.38 18.24
N ALA A 403 -4.79 19.04 17.26
CA ALA A 403 -5.34 18.42 16.07
C ALA A 403 -5.30 19.38 14.90
N TRP A 404 -5.54 18.86 13.69
CA TRP A 404 -5.54 19.61 12.44
C TRP A 404 -6.63 19.08 11.49
N ALA A 405 -7.04 19.89 10.49
CA ALA A 405 -8.04 19.49 9.49
C ALA A 405 -8.01 20.37 8.26
N ASN A 406 -8.17 19.77 7.08
CA ASN A 406 -8.16 20.52 5.82
C ASN A 406 -9.50 20.37 5.14
N LEU A 407 -9.86 21.38 4.36
CA LEU A 407 -11.14 21.44 3.69
C LEU A 407 -11.03 22.07 2.30
N MET A 408 -11.73 21.48 1.31
CA MET A 408 -11.77 22.06 -0.04
C MET A 408 -12.85 23.12 -0.06
N LEU A 409 -12.56 24.32 -0.61
CA LEU A 409 -13.53 25.43 -0.69
C LEU A 409 -14.57 25.17 -1.79
N PHE A 410 -14.15 24.50 -2.89
CA PHE A 410 -15.02 24.08 -3.98
C PHE A 410 -15.22 22.57 -3.86
N ASP A 411 -16.46 22.08 -4.02
CA ASP A 411 -16.73 20.65 -3.93
C ASP A 411 -16.40 19.93 -5.25
N TYR A 412 -16.58 18.59 -5.28
CA TYR A 412 -16.28 17.79 -6.46
C TYR A 412 -17.05 18.22 -7.72
N LYS A 413 -18.29 18.73 -7.56
CA LYS A 413 -19.14 19.19 -8.66
C LYS A 413 -18.83 20.63 -9.12
N ASP A 414 -17.73 21.24 -8.58
CA ASP A 414 -17.23 22.61 -8.83
C ASP A 414 -17.97 23.71 -8.04
N GLN A 415 -19.04 23.36 -7.30
CA GLN A 415 -19.83 24.32 -6.51
C GLN A 415 -19.07 24.74 -5.25
N LEU A 416 -18.94 26.07 -5.01
CA LEU A 416 -18.29 26.60 -3.83
C LEU A 416 -19.14 26.24 -2.60
N LYS A 417 -18.55 25.49 -1.68
CA LYS A 417 -19.21 25.03 -0.45
C LYS A 417 -19.82 26.22 0.31
N THR A 418 -21.05 26.03 0.84
CA THR A 418 -21.81 27.03 1.62
C THR A 418 -22.52 26.35 2.79
N GLY A 419 -22.51 27.01 3.94
CA GLY A 419 -23.15 26.52 5.15
C GLY A 419 -22.25 25.73 6.07
N GLU A 420 -22.82 25.30 7.21
CA GLU A 420 -22.18 24.54 8.27
C GLU A 420 -21.52 23.26 7.76
N ARG A 421 -20.28 23.02 8.22
CA ARG A 421 -19.47 21.84 7.90
C ARG A 421 -18.80 21.43 9.19
N CYS A 422 -19.04 20.20 9.64
CA CYS A 422 -18.43 19.69 10.85
C CYS A 422 -17.23 18.83 10.43
N LEU A 423 -16.01 19.32 10.71
CA LEU A 423 -14.75 18.67 10.35
C LEU A 423 -14.18 17.82 11.49
N TYR A 424 -14.26 16.48 11.39
CA TYR A 424 -13.70 15.57 12.39
C TYR A 424 -12.16 15.62 12.24
N MET A 425 -11.51 16.31 13.19
CA MET A 425 -10.08 16.60 13.21
C MET A 425 -9.16 15.42 13.44
N TRP A 426 -7.95 15.50 12.82
CA TRP A 426 -6.88 14.52 12.89
C TRP A 426 -5.83 14.93 13.93
N PRO A 427 -5.29 13.98 14.73
CA PRO A 427 -4.24 14.35 15.70
C PRO A 427 -2.94 14.83 15.08
N SER A 428 -2.38 15.89 15.68
CA SER A 428 -1.12 16.50 15.29
C SER A 428 0.01 15.64 15.85
N VAL A 429 1.11 15.51 15.09
CA VAL A 429 2.29 14.74 15.48
C VAL A 429 3.51 15.67 15.52
N PRO A 430 4.25 15.75 16.66
CA PRO A 430 5.41 16.64 16.71
C PRO A 430 6.58 16.15 15.84
N ASP A 431 7.00 17.00 14.90
CA ASP A 431 8.08 16.71 13.95
C ASP A 431 9.11 17.86 13.90
N GLU A 432 10.21 17.67 13.10
CA GLU A 432 11.31 18.62 12.86
C GLU A 432 10.81 20.01 12.43
N LYS A 433 9.80 20.05 11.55
CA LYS A 433 9.16 21.28 11.07
C LYS A 433 7.83 21.40 11.83
N GLY A 434 7.89 22.00 13.01
CA GLY A 434 6.73 22.18 13.88
C GLY A 434 5.75 23.26 13.47
N GLU A 435 5.67 23.56 12.15
CA GLU A 435 4.78 24.57 11.55
C GLU A 435 3.34 24.42 12.05
N LEU A 436 2.69 25.55 12.36
CA LEU A 436 1.33 25.60 12.89
C LEU A 436 0.33 24.79 12.05
N LEU A 437 0.31 24.99 10.72
CA LEU A 437 -0.62 24.28 9.83
C LEU A 437 0.00 23.10 9.08
N ASN A 438 -0.86 22.18 8.60
CA ASN A 438 -0.47 20.99 7.85
C ASN A 438 -1.24 20.90 6.52
N PRO A 439 -0.87 21.74 5.50
CA PRO A 439 -1.63 21.72 4.23
C PRO A 439 -1.52 20.46 3.38
N THR A 440 -0.49 19.61 3.62
CA THR A 440 -0.29 18.37 2.87
C THR A 440 -1.23 17.25 3.31
N GLY A 441 -1.70 17.30 4.55
CA GLY A 441 -2.58 16.29 5.11
C GLY A 441 -3.89 16.06 4.36
N THR A 442 -4.47 14.85 4.50
CA THR A 442 -5.72 14.46 3.85
C THR A 442 -6.82 15.53 4.00
N VAL A 443 -7.53 15.77 2.91
CA VAL A 443 -8.62 16.74 2.87
C VAL A 443 -9.98 16.05 3.22
N ARG A 444 -9.91 14.80 3.74
CA ARG A 444 -11.05 14.02 4.19
C ARG A 444 -11.23 14.15 5.70
N SER A 445 -12.38 13.66 6.22
CA SER A 445 -12.68 13.66 7.65
C SER A 445 -12.14 12.42 8.35
N ASN A 446 -11.90 12.55 9.65
CA ASN A 446 -11.44 11.45 10.49
C ASN A 446 -12.59 10.42 10.60
N PRO A 447 -12.38 9.14 10.21
CA PRO A 447 -13.49 8.17 10.28
C PRO A 447 -13.91 7.78 11.69
N ASN A 448 -13.05 8.09 12.69
CA ASN A 448 -13.37 7.80 14.10
C ASN A 448 -14.32 8.87 14.68
N THR A 449 -15.48 9.11 13.99
CA THR A 449 -16.52 10.09 14.40
C THR A 449 -17.06 9.84 15.83
N ASP A 450 -16.75 8.65 16.41
CA ASP A 450 -17.12 8.25 17.76
C ASP A 450 -16.39 9.12 18.79
N SER A 451 -15.04 9.03 18.81
CA SER A 451 -14.15 9.70 19.77
C SER A 451 -13.47 11.00 19.31
N ALA A 452 -13.05 11.09 18.04
CA ALA A 452 -12.29 12.20 17.44
C ALA A 452 -12.85 13.61 17.71
N ALA A 453 -11.93 14.56 18.00
CA ALA A 453 -12.26 15.98 18.23
C ALA A 453 -12.76 16.60 16.92
N ALA A 454 -13.59 17.63 16.99
CA ALA A 454 -14.14 18.23 15.79
C ALA A 454 -14.27 19.72 15.91
N LEU A 455 -14.31 20.42 14.78
CA LEU A 455 -14.48 21.85 14.74
C LEU A 455 -15.72 22.16 13.91
N LEU A 456 -16.68 22.90 14.51
CA LEU A 456 -17.93 23.31 13.86
C LEU A 456 -17.72 24.67 13.20
N ILE A 457 -17.60 24.67 11.87
CA ILE A 457 -17.40 25.86 11.04
C ILE A 457 -18.60 26.03 10.12
N CYS A 458 -18.74 27.24 9.55
CA CYS A 458 -19.83 27.55 8.64
C CYS A 458 -19.39 28.56 7.61
N LEU A 459 -19.46 28.16 6.33
CA LEU A 459 -19.13 29.04 5.22
C LEU A 459 -20.38 29.89 4.96
N PRO A 460 -20.26 31.21 4.79
CA PRO A 460 -21.48 32.02 4.59
C PRO A 460 -21.99 32.05 3.15
N GLU A 461 -23.27 32.45 2.97
CA GLU A 461 -23.91 32.59 1.67
C GLU A 461 -23.34 33.82 0.93
N VAL A 462 -23.27 33.76 -0.40
CA VAL A 462 -22.68 34.81 -1.22
C VAL A 462 -23.62 35.36 -2.30
N ALA A 463 -24.55 34.53 -2.79
CA ALA A 463 -25.51 34.86 -3.85
C ALA A 463 -26.84 34.04 -3.72
N PRO A 464 -27.97 34.46 -4.36
CA PRO A 464 -29.22 33.66 -4.26
C PRO A 464 -29.08 32.25 -4.83
N HIS A 465 -28.31 32.10 -5.92
CA HIS A 465 -28.03 30.82 -6.59
C HIS A 465 -26.60 30.33 -6.26
N PRO A 466 -26.33 29.00 -6.25
CA PRO A 466 -24.96 28.54 -5.95
C PRO A 466 -24.00 28.82 -7.12
N VAL A 467 -22.73 29.14 -6.80
CA VAL A 467 -21.70 29.47 -7.79
C VAL A 467 -20.69 28.34 -7.99
N TYR A 468 -20.35 28.08 -9.26
CA TYR A 468 -19.40 27.07 -9.72
C TYR A 468 -18.16 27.77 -10.26
N TYR A 469 -16.98 27.15 -10.10
CA TYR A 469 -15.73 27.67 -10.64
C TYR A 469 -15.85 27.75 -12.17
N PRO A 470 -15.47 28.88 -12.82
CA PRO A 470 -15.64 29.00 -14.28
C PRO A 470 -15.16 27.80 -15.10
N ALA A 471 -15.99 27.35 -16.06
CA ALA A 471 -15.69 26.23 -16.96
C ALA A 471 -14.50 26.59 -17.88
N LEU A 472 -13.81 25.57 -18.45
CA LEU A 472 -12.63 25.77 -19.30
C LEU A 472 -12.80 26.83 -20.40
N GLU A 473 -13.99 26.88 -21.05
CA GLU A 473 -14.28 27.88 -22.09
C GLU A 473 -14.18 29.30 -21.51
N LYS A 474 -14.79 29.53 -20.32
CA LYS A 474 -14.76 30.82 -19.62
C LYS A 474 -13.38 31.14 -19.04
N ILE A 475 -12.61 30.10 -18.65
CA ILE A 475 -11.26 30.22 -18.08
C ILE A 475 -10.22 30.58 -19.15
N LEU A 476 -10.21 29.85 -20.29
CA LEU A 476 -9.28 30.11 -21.39
C LEU A 476 -9.56 31.45 -22.09
N GLU A 477 -10.80 32.00 -21.92
CA GLU A 477 -11.24 33.30 -22.47
C GLU A 477 -10.49 34.45 -21.79
N LEU A 478 -10.58 34.55 -20.43
CA LEU A 478 -9.88 35.56 -19.63
C LEU A 478 -8.34 35.42 -19.70
N GLY A 479 -7.84 34.24 -20.12
CA GLY A 479 -6.42 33.93 -20.22
C GLY A 479 -5.75 34.31 -21.53
N ARG A 480 -6.54 34.54 -22.60
CA ARG A 480 -6.03 34.92 -23.92
C ARG A 480 -5.97 36.45 -24.05
N THR A 488 12.61 41.02 -23.96
CA THR A 488 13.76 41.66 -24.58
C THR A 488 14.70 40.63 -25.27
N GLU A 489 16.01 40.71 -24.96
CA GLU A 489 17.13 39.87 -25.42
C GLU A 489 18.18 39.79 -24.28
N GLU A 490 18.23 40.84 -23.41
CA GLU A 490 19.11 40.93 -22.23
C GLU A 490 18.54 40.02 -21.12
N GLU A 491 17.19 40.02 -20.99
CA GLU A 491 16.44 39.20 -20.04
C GLU A 491 16.36 37.76 -20.55
N GLN A 492 16.48 37.56 -21.89
CA GLN A 492 16.44 36.26 -22.58
C GLN A 492 17.62 35.39 -22.14
N LEU A 493 18.76 36.03 -21.83
CA LEU A 493 19.95 35.38 -21.30
C LEU A 493 19.74 35.17 -19.79
N GLN A 494 19.10 36.15 -19.11
CA GLN A 494 18.79 36.13 -17.67
C GLN A 494 17.80 35.00 -17.30
N LEU A 495 17.00 34.51 -18.28
CA LEU A 495 16.08 33.39 -18.10
C LEU A 495 16.86 32.08 -18.20
N ARG A 496 17.78 32.00 -19.19
CA ARG A 496 18.63 30.84 -19.45
C ARG A 496 19.46 30.47 -18.23
N GLU A 497 19.96 31.48 -17.49
CA GLU A 497 20.78 31.30 -16.29
C GLU A 497 19.94 30.82 -15.11
N ILE A 498 18.71 31.34 -14.97
CA ILE A 498 17.78 30.98 -13.89
C ILE A 498 17.26 29.55 -14.08
N LEU A 499 16.83 29.20 -15.32
CA LEU A 499 16.37 27.83 -15.63
C LEU A 499 17.61 26.96 -15.95
N GLU A 500 18.54 26.88 -14.95
CA GLU A 500 19.81 26.16 -14.99
C GLU A 500 20.35 25.89 -13.57
N GLY A 505 16.89 23.49 -6.17
CA GLY A 505 16.04 24.10 -7.19
C GLY A 505 15.03 25.08 -6.63
N GLU A 506 15.51 26.23 -6.12
CA GLU A 506 14.68 27.30 -5.54
C GLU A 506 14.89 28.64 -6.24
N LEU A 507 13.78 29.20 -6.80
CA LEU A 507 13.76 30.48 -7.51
C LEU A 507 13.19 31.57 -6.57
N TYR A 508 14.00 32.60 -6.24
CA TYR A 508 13.64 33.70 -5.33
C TYR A 508 12.64 34.68 -5.96
N GLU A 509 12.07 35.61 -5.15
CA GLU A 509 11.07 36.61 -5.59
C GLU A 509 11.48 37.43 -6.81
N HIS A 510 12.78 37.77 -6.93
CA HIS A 510 13.29 38.51 -8.08
C HIS A 510 13.31 37.63 -9.34
N GLU A 511 13.56 36.33 -9.15
CA GLU A 511 13.63 35.32 -10.21
C GLU A 511 12.22 34.88 -10.65
N LYS A 512 11.27 34.77 -9.70
CA LYS A 512 9.86 34.40 -9.91
C LYS A 512 9.15 35.41 -10.83
N ASP A 513 9.31 36.72 -10.54
CA ASP A 513 8.72 37.81 -11.32
C ASP A 513 9.24 37.87 -12.77
N LEU A 514 10.51 37.47 -13.01
CA LEU A 514 11.09 37.46 -14.37
C LEU A 514 10.54 36.31 -15.20
N VAL A 515 10.59 35.09 -14.65
CA VAL A 515 10.08 33.85 -15.26
C VAL A 515 8.61 34.02 -15.69
N TRP A 516 7.80 34.70 -14.84
CA TRP A 516 6.39 34.98 -15.14
C TRP A 516 6.18 35.94 -16.31
N LYS A 517 7.00 37.02 -16.39
CA LYS A 517 6.90 37.97 -17.49
C LYS A 517 7.22 37.23 -18.81
N LEU A 518 8.35 36.47 -18.83
CA LEU A 518 8.79 35.68 -19.97
C LEU A 518 8.14 34.28 -20.03
N ARG A 519 6.88 34.13 -19.52
CA ARG A 519 6.15 32.86 -19.53
C ARG A 519 5.90 32.32 -20.95
N HIS A 520 5.67 33.21 -21.93
CA HIS A 520 5.46 32.83 -23.33
C HIS A 520 6.78 32.32 -23.93
N GLU A 521 7.93 32.80 -23.39
CA GLU A 521 9.28 32.39 -23.82
C GLU A 521 9.67 31.05 -23.22
N VAL A 522 9.10 30.70 -22.04
CA VAL A 522 9.29 29.42 -21.36
C VAL A 522 8.59 28.35 -22.20
N GLN A 523 7.30 28.56 -22.58
CA GLN A 523 6.57 27.61 -23.42
C GLN A 523 7.25 27.39 -24.77
N GLU A 524 7.86 28.45 -25.33
CA GLU A 524 8.53 28.43 -26.62
C GLU A 524 9.92 27.79 -26.58
N HIS A 525 10.80 28.22 -25.66
CA HIS A 525 12.19 27.76 -25.59
C HIS A 525 12.52 26.74 -24.50
N PHE A 526 11.67 26.61 -23.48
CA PHE A 526 11.91 25.71 -22.34
C PHE A 526 10.64 24.91 -21.98
N PRO A 527 10.03 24.07 -22.87
CA PRO A 527 8.80 23.34 -22.44
C PRO A 527 9.02 22.45 -21.20
N GLU A 528 10.24 21.89 -21.06
CA GLU A 528 10.67 21.04 -19.95
C GLU A 528 10.63 21.77 -18.59
N ALA A 529 10.71 23.12 -18.59
CA ALA A 529 10.69 23.96 -17.40
C ALA A 529 9.27 24.35 -16.90
N LEU A 530 8.21 23.74 -17.49
CA LEU A 530 6.80 23.96 -17.12
C LEU A 530 6.62 23.95 -15.61
N ALA A 531 7.20 22.93 -14.92
CA ALA A 531 7.15 22.77 -13.46
C ALA A 531 7.67 24.01 -12.71
N ARG A 532 8.79 24.58 -13.18
CA ARG A 532 9.35 25.78 -12.57
C ARG A 532 8.32 26.91 -12.72
N LEU A 533 7.82 27.10 -13.97
CA LEU A 533 6.80 28.09 -14.33
C LEU A 533 5.51 27.98 -13.52
N LEU A 534 4.98 26.76 -13.33
CA LEU A 534 3.75 26.55 -12.58
C LEU A 534 3.90 27.00 -11.13
N LEU A 535 5.12 26.90 -10.59
CA LEU A 535 5.40 27.32 -9.22
C LEU A 535 5.49 28.83 -9.09
N VAL A 536 6.10 29.53 -10.06
CA VAL A 536 6.25 31.00 -10.04
C VAL A 536 4.88 31.72 -10.10
N THR A 537 3.87 31.09 -10.78
CA THR A 537 2.49 31.56 -10.97
C THR A 537 1.85 31.98 -9.64
N LYS A 538 1.12 33.12 -9.64
CA LYS A 538 0.43 33.60 -8.45
C LYS A 538 -0.98 32.99 -8.45
N TRP A 539 -1.14 31.89 -7.69
CA TRP A 539 -2.39 31.13 -7.59
C TRP A 539 -3.46 31.83 -6.74
N ASN A 540 -3.08 32.93 -6.04
CA ASN A 540 -3.97 33.74 -5.20
C ASN A 540 -4.64 34.92 -5.95
N LYS A 541 -4.34 35.07 -7.27
CA LYS A 541 -4.90 36.12 -8.16
C LYS A 541 -5.42 35.42 -9.43
N HIS A 542 -6.77 35.31 -9.58
CA HIS A 542 -7.46 34.61 -10.69
C HIS A 542 -7.02 35.06 -12.10
N GLU A 543 -6.53 36.31 -12.23
CA GLU A 543 -6.02 36.84 -13.50
C GLU A 543 -4.82 36.00 -13.94
N ASP A 544 -3.80 35.84 -13.05
CA ASP A 544 -2.56 35.06 -13.23
C ASP A 544 -2.87 33.60 -13.55
N VAL A 545 -3.78 32.99 -12.77
CA VAL A 545 -4.23 31.61 -12.90
C VAL A 545 -4.74 31.32 -14.33
N ALA A 546 -5.59 32.22 -14.89
CA ALA A 546 -6.14 32.07 -16.24
C ALA A 546 -5.05 32.07 -17.30
N GLN A 547 -4.05 32.98 -17.15
CA GLN A 547 -2.92 33.13 -18.06
C GLN A 547 -2.09 31.84 -18.12
N MET A 548 -1.87 31.19 -16.97
CA MET A 548 -1.12 29.94 -16.85
C MET A 548 -1.86 28.74 -17.46
N LEU A 549 -3.14 28.58 -17.09
CA LEU A 549 -3.98 27.49 -17.57
C LEU A 549 -4.15 27.57 -19.09
N TYR A 550 -4.20 28.81 -19.67
CA TYR A 550 -4.33 29.03 -21.13
C TYR A 550 -3.14 28.41 -21.85
N LEU A 551 -1.92 28.64 -21.32
CA LEU A 551 -0.67 28.12 -21.86
C LEU A 551 -0.63 26.62 -21.72
N LEU A 552 -1.12 26.09 -20.58
CA LEU A 552 -1.15 24.66 -20.29
C LEU A 552 -1.97 23.89 -21.31
N CYS A 553 -3.13 24.45 -21.70
CA CYS A 553 -4.03 23.87 -22.68
C CYS A 553 -3.47 23.88 -24.11
N SER A 554 -2.28 24.45 -24.28
CA SER A 554 -1.55 24.54 -25.56
C SER A 554 -0.05 24.16 -25.37
N TRP A 555 0.30 23.60 -24.20
CA TRP A 555 1.67 23.22 -23.86
C TRP A 555 2.12 21.93 -24.60
N PRO A 556 3.38 21.83 -25.09
CA PRO A 556 3.80 20.57 -25.74
C PRO A 556 3.87 19.37 -24.79
N GLU A 557 3.62 18.15 -25.31
CA GLU A 557 3.63 16.90 -24.56
C GLU A 557 5.03 16.62 -24.02
N LEU A 558 5.13 16.56 -22.69
CA LEU A 558 6.39 16.37 -21.99
C LEU A 558 6.80 14.90 -21.87
N PRO A 559 8.11 14.57 -21.72
CA PRO A 559 8.50 13.17 -21.55
C PRO A 559 8.01 12.63 -20.20
N VAL A 560 7.92 11.30 -20.07
CA VAL A 560 7.46 10.61 -18.85
C VAL A 560 8.19 11.13 -17.60
N LEU A 561 9.51 11.35 -17.71
CA LEU A 561 10.31 11.85 -16.60
C LEU A 561 9.80 13.16 -16.06
N SER A 562 9.47 14.13 -16.93
CA SER A 562 8.92 15.43 -16.54
C SER A 562 7.52 15.29 -15.90
N ALA A 563 6.64 14.46 -16.52
CA ALA A 563 5.28 14.17 -16.06
C ALA A 563 5.29 13.67 -14.62
N LEU A 564 6.24 12.75 -14.27
CA LEU A 564 6.43 12.20 -12.93
C LEU A 564 6.52 13.30 -11.86
N GLU A 565 7.35 14.35 -12.14
CA GLU A 565 7.51 15.51 -11.25
C GLU A 565 6.19 16.24 -10.99
N LEU A 566 5.32 16.36 -12.03
CA LEU A 566 4.04 17.07 -11.93
C LEU A 566 2.97 16.34 -11.11
N LEU A 567 3.28 15.12 -10.63
CA LEU A 567 2.36 14.34 -9.79
C LEU A 567 2.48 14.74 -8.31
N ASP A 568 3.56 15.47 -7.97
CA ASP A 568 3.85 15.94 -6.61
C ASP A 568 2.80 16.93 -6.07
N PHE A 569 2.59 16.92 -4.74
CA PHE A 569 1.64 17.77 -4.00
C PHE A 569 1.75 19.28 -4.32
N SER A 570 2.95 19.76 -4.70
CA SER A 570 3.26 21.14 -5.08
C SER A 570 2.51 21.61 -6.35
N PHE A 571 1.96 20.64 -7.13
CA PHE A 571 1.20 20.90 -8.36
C PHE A 571 -0.21 20.34 -8.18
N PRO A 572 -1.08 21.01 -7.37
CA PRO A 572 -2.41 20.45 -7.11
C PRO A 572 -3.51 20.74 -8.12
N ASP A 573 -3.31 21.71 -9.03
CA ASP A 573 -4.34 22.03 -10.02
C ASP A 573 -4.70 20.83 -10.88
N CYS A 574 -6.00 20.51 -10.95
CA CYS A 574 -6.58 19.40 -11.70
C CYS A 574 -6.14 19.32 -13.16
N HIS A 575 -5.93 20.49 -13.81
CA HIS A 575 -5.48 20.59 -15.21
C HIS A 575 -4.04 20.15 -15.38
N VAL A 576 -3.23 20.29 -14.30
CA VAL A 576 -1.81 19.90 -14.28
C VAL A 576 -1.71 18.39 -14.18
N GLY A 577 -2.60 17.80 -13.39
CA GLY A 577 -2.68 16.35 -13.18
C GLY A 577 -3.09 15.66 -14.46
N SER A 578 -4.03 16.27 -15.17
CA SER A 578 -4.53 15.80 -16.45
C SER A 578 -3.47 15.90 -17.55
N PHE A 579 -2.59 16.93 -17.50
CA PHE A 579 -1.49 17.08 -18.46
C PHE A 579 -0.41 16.02 -18.14
N ALA A 580 -0.16 15.80 -16.84
CA ALA A 580 0.78 14.81 -16.35
C ALA A 580 0.33 13.40 -16.81
N ILE A 581 -0.96 13.03 -16.58
CA ILE A 581 -1.54 11.74 -16.99
C ILE A 581 -1.48 11.59 -18.52
N LYS A 582 -1.76 12.68 -19.28
CA LYS A 582 -1.70 12.70 -20.74
C LYS A 582 -0.34 12.15 -21.24
N SER A 583 0.75 12.53 -20.56
CA SER A 583 2.12 12.08 -20.85
C SER A 583 2.47 10.68 -20.29
N LEU A 584 1.80 10.26 -19.20
CA LEU A 584 2.02 8.92 -18.62
C LEU A 584 1.36 7.83 -19.46
N ARG A 585 0.43 8.19 -20.35
CA ARG A 585 -0.26 7.25 -21.22
C ARG A 585 0.67 6.55 -22.25
N LYS A 586 1.91 7.05 -22.43
CA LYS A 586 2.93 6.51 -23.35
C LYS A 586 3.66 5.32 -22.74
N LEU A 587 3.49 5.11 -21.42
CA LEU A 587 4.18 4.06 -20.67
C LEU A 587 3.83 2.64 -21.13
N THR A 588 4.86 1.80 -21.32
CA THR A 588 4.65 0.39 -21.61
C THR A 588 4.30 -0.23 -20.26
N ASP A 589 3.49 -1.31 -20.27
CA ASP A 589 3.08 -2.03 -19.08
C ASP A 589 4.30 -2.34 -18.19
N ASP A 590 5.46 -2.65 -18.79
CA ASP A 590 6.68 -2.95 -18.06
C ASP A 590 7.30 -1.75 -17.30
N GLU A 591 7.34 -0.55 -17.92
CA GLU A 591 7.86 0.68 -17.33
C GLU A 591 6.91 1.20 -16.27
N LEU A 592 5.60 1.06 -16.50
CA LEU A 592 4.52 1.47 -15.59
C LEU A 592 4.61 0.67 -14.29
N PHE A 593 4.95 -0.63 -14.40
CA PHE A 593 5.11 -1.55 -13.28
C PHE A 593 6.18 -1.05 -12.33
N GLN A 594 7.30 -0.57 -12.88
CA GLN A 594 8.42 -0.01 -12.14
C GLN A 594 8.07 1.28 -11.36
N TYR A 595 6.97 1.97 -11.71
CA TYR A 595 6.53 3.20 -11.03
C TYR A 595 5.21 3.01 -10.34
N LEU A 596 4.62 1.80 -10.41
CA LEU A 596 3.31 1.50 -9.83
C LEU A 596 3.21 1.87 -8.32
N LEU A 597 4.24 1.56 -7.52
CA LEU A 597 4.23 1.85 -6.09
C LEU A 597 4.16 3.35 -5.84
N GLN A 598 4.93 4.15 -6.62
CA GLN A 598 4.93 5.62 -6.47
C GLN A 598 3.59 6.19 -6.84
N LEU A 599 3.02 5.70 -7.97
CA LEU A 599 1.73 6.10 -8.50
C LEU A 599 0.57 5.87 -7.52
N VAL A 600 0.52 4.69 -6.87
CA VAL A 600 -0.45 4.37 -5.81
C VAL A 600 -0.31 5.40 -4.63
N GLN A 601 0.93 5.72 -4.21
CA GLN A 601 1.21 6.66 -3.10
C GLN A 601 0.69 8.08 -3.35
N VAL A 602 0.88 8.59 -4.58
CA VAL A 602 0.45 9.90 -5.08
C VAL A 602 -1.09 10.08 -4.97
N LEU A 603 -1.88 8.98 -4.87
CA LEU A 603 -3.34 9.05 -4.68
C LEU A 603 -3.69 9.70 -3.32
N LYS A 604 -2.76 9.67 -2.35
CA LYS A 604 -2.94 10.27 -1.03
C LYS A 604 -2.90 11.80 -1.15
N TYR A 605 -2.30 12.32 -2.22
CA TYR A 605 -2.22 13.75 -2.48
C TYR A 605 -3.49 14.23 -3.16
N GLU A 606 -4.35 13.29 -3.62
CA GLU A 606 -5.59 13.65 -4.31
C GLU A 606 -6.61 14.29 -3.37
N SER A 607 -7.45 15.19 -3.91
CA SER A 607 -8.44 15.90 -3.12
C SER A 607 -9.84 15.31 -3.27
N TYR A 608 -10.24 15.00 -4.51
CA TYR A 608 -11.51 14.39 -4.83
C TYR A 608 -11.30 12.90 -5.06
N LEU A 609 -12.38 12.10 -5.03
CA LEU A 609 -12.27 10.64 -5.23
C LEU A 609 -12.09 10.28 -6.71
N ASP A 610 -12.90 10.90 -7.58
CA ASP A 610 -12.82 10.71 -9.02
C ASP A 610 -11.76 11.67 -9.53
N CYS A 611 -10.71 11.11 -10.14
CA CYS A 611 -9.58 11.86 -10.69
C CYS A 611 -8.97 11.09 -11.84
N GLU A 612 -8.16 11.78 -12.67
CA GLU A 612 -7.48 11.21 -13.83
C GLU A 612 -6.55 10.03 -13.48
N LEU A 613 -5.82 10.12 -12.33
CA LEU A 613 -4.89 9.09 -11.87
C LEU A 613 -5.59 7.79 -11.51
N THR A 614 -6.73 7.87 -10.79
CA THR A 614 -7.54 6.70 -10.42
C THR A 614 -8.00 5.99 -11.71
N LYS A 615 -8.56 6.76 -12.67
CA LYS A 615 -9.05 6.29 -13.96
C LYS A 615 -7.93 5.59 -14.73
N PHE A 616 -6.74 6.22 -14.79
CA PHE A 616 -5.55 5.71 -15.46
C PHE A 616 -5.14 4.40 -14.85
N LEU A 617 -4.97 4.36 -13.51
CA LEU A 617 -4.58 3.16 -12.75
C LEU A 617 -5.54 1.99 -12.94
N LEU A 618 -6.87 2.26 -12.86
CA LEU A 618 -7.90 1.25 -13.11
C LEU A 618 -7.90 0.78 -14.57
N ASP A 619 -7.80 1.71 -15.55
CA ASP A 619 -7.79 1.40 -16.98
C ASP A 619 -6.66 0.45 -17.33
N ARG A 620 -5.50 0.65 -16.72
CA ARG A 620 -4.30 -0.16 -16.90
C ARG A 620 -4.38 -1.50 -16.24
N ALA A 621 -5.00 -1.57 -15.05
CA ALA A 621 -5.20 -2.78 -14.24
C ALA A 621 -6.15 -3.76 -14.93
N LEU A 622 -7.13 -3.22 -15.70
CA LEU A 622 -8.13 -4.00 -16.44
C LEU A 622 -7.59 -4.40 -17.83
N ALA A 623 -6.45 -3.81 -18.24
CA ALA A 623 -5.79 -4.09 -19.52
C ALA A 623 -4.68 -5.14 -19.32
N ASN A 624 -4.15 -5.22 -18.08
CA ASN A 624 -3.10 -6.17 -17.69
C ASN A 624 -3.42 -6.79 -16.31
N ARG A 625 -3.45 -8.11 -16.24
CA ARG A 625 -3.72 -8.86 -15.00
C ARG A 625 -2.58 -8.68 -13.95
N LYS A 626 -1.27 -8.71 -14.35
CA LYS A 626 -0.13 -8.52 -13.43
C LYS A 626 -0.17 -7.14 -12.78
N ILE A 627 -0.44 -6.07 -13.56
CA ILE A 627 -0.57 -4.70 -13.03
C ILE A 627 -1.72 -4.67 -12.03
N GLY A 628 -2.87 -5.26 -12.43
CA GLY A 628 -4.08 -5.38 -11.64
C GLY A 628 -3.83 -6.07 -10.31
N HIS A 629 -3.10 -7.20 -10.35
CA HIS A 629 -2.66 -7.97 -9.19
C HIS A 629 -1.89 -7.08 -8.20
N PHE A 630 -0.83 -6.38 -8.67
CA PHE A 630 -0.04 -5.56 -7.78
C PHE A 630 -0.75 -4.27 -7.38
N LEU A 631 -1.71 -3.79 -8.17
CA LEU A 631 -2.52 -2.64 -7.76
C LEU A 631 -3.41 -3.10 -6.56
N PHE A 632 -4.02 -4.30 -6.65
CA PHE A 632 -4.82 -4.89 -5.57
C PHE A 632 -4.04 -4.92 -4.23
N TRP A 633 -2.84 -5.53 -4.23
CA TRP A 633 -2.02 -5.66 -3.04
C TRP A 633 -1.43 -4.33 -2.56
N HIS A 634 -1.15 -3.36 -3.47
CA HIS A 634 -0.65 -2.04 -3.04
C HIS A 634 -1.75 -1.31 -2.25
N LEU A 635 -3.02 -1.42 -2.70
CA LEU A 635 -4.18 -0.79 -2.06
C LEU A 635 -4.67 -1.52 -0.82
N ARG A 636 -4.78 -2.86 -0.88
CA ARG A 636 -5.21 -3.75 0.21
C ARG A 636 -4.37 -3.61 1.48
N SER A 637 -3.04 -3.68 1.35
CA SER A 637 -2.07 -3.56 2.45
C SER A 637 -2.08 -2.21 3.19
N GLU A 638 -2.98 -1.30 2.81
CA GLU A 638 -3.11 0.02 3.44
C GLU A 638 -4.55 0.28 3.91
N MET A 639 -5.45 -0.72 3.74
CA MET A 639 -6.87 -0.67 4.14
C MET A 639 -7.11 -0.43 5.65
N HIS A 640 -6.03 -0.49 6.46
CA HIS A 640 -6.04 -0.25 7.89
C HIS A 640 -5.78 1.23 8.19
N VAL A 641 -5.11 1.94 7.27
CA VAL A 641 -4.78 3.35 7.44
C VAL A 641 -6.06 4.20 7.25
N PRO A 642 -6.59 4.81 8.33
CA PRO A 642 -7.86 5.56 8.23
C PRO A 642 -7.95 6.64 7.15
N SER A 643 -6.82 7.26 6.79
CA SER A 643 -6.84 8.34 5.80
C SER A 643 -7.08 7.88 4.37
N VAL A 644 -6.71 6.62 4.05
CA VAL A 644 -6.84 6.06 2.70
C VAL A 644 -7.97 5.02 2.57
N ALA A 645 -8.38 4.38 3.68
CA ALA A 645 -9.42 3.33 3.75
C ALA A 645 -10.66 3.56 2.85
N LEU A 646 -11.19 4.80 2.81
CA LEU A 646 -12.35 5.10 1.98
C LEU A 646 -11.93 5.13 0.50
N ARG A 647 -10.89 5.93 0.16
CA ARG A 647 -10.37 6.05 -1.20
C ARG A 647 -9.96 4.69 -1.77
N PHE A 648 -9.05 3.97 -1.07
CA PHE A 648 -8.53 2.67 -1.49
C PHE A 648 -9.62 1.63 -1.61
N GLY A 649 -10.59 1.69 -0.70
CA GLY A 649 -11.73 0.77 -0.67
C GLY A 649 -12.56 0.89 -1.92
N LEU A 650 -12.85 2.15 -2.32
CA LEU A 650 -13.65 2.47 -3.50
C LEU A 650 -13.00 2.01 -4.79
N ILE A 651 -11.66 2.19 -4.90
CA ILE A 651 -10.86 1.76 -6.06
C ILE A 651 -10.87 0.23 -6.15
N LEU A 652 -10.63 -0.47 -5.04
CA LEU A 652 -10.63 -1.93 -5.03
C LEU A 652 -11.97 -2.54 -5.47
N GLU A 653 -13.12 -2.01 -4.99
CA GLU A 653 -14.46 -2.49 -5.37
C GLU A 653 -14.55 -2.43 -6.91
N ALA A 654 -14.20 -1.25 -7.49
CA ALA A 654 -14.19 -0.98 -8.92
C ALA A 654 -13.26 -1.96 -9.66
N TYR A 655 -12.04 -2.17 -9.14
CA TYR A 655 -11.12 -3.11 -9.74
C TYR A 655 -11.75 -4.52 -9.78
N CYS A 656 -12.40 -4.93 -8.67
CA CYS A 656 -13.04 -6.23 -8.48
C CYS A 656 -14.22 -6.48 -9.43
N ARG A 657 -15.10 -5.48 -9.64
CA ARG A 657 -16.26 -5.57 -10.54
C ARG A 657 -15.86 -5.86 -11.99
N GLY A 658 -14.66 -5.39 -12.38
CA GLY A 658 -14.14 -5.55 -13.72
C GLY A 658 -13.15 -6.67 -13.87
N SER A 659 -12.83 -7.39 -12.78
CA SER A 659 -11.84 -8.47 -12.79
C SER A 659 -12.27 -9.68 -11.95
N THR A 660 -13.52 -10.11 -12.14
CA THR A 660 -14.17 -11.29 -11.52
C THR A 660 -13.30 -12.58 -11.57
N HIS A 661 -12.53 -12.81 -12.66
CA HIS A 661 -11.63 -13.97 -12.81
C HIS A 661 -10.53 -13.89 -11.74
N HIS A 662 -9.74 -12.79 -11.75
CA HIS A 662 -8.64 -12.56 -10.80
C HIS A 662 -9.16 -12.45 -9.36
N MET A 663 -10.41 -12.01 -9.22
CA MET A 663 -11.10 -11.89 -7.94
C MET A 663 -11.14 -13.26 -7.26
N LYS A 664 -11.20 -14.36 -8.05
CA LYS A 664 -11.20 -15.71 -7.51
C LYS A 664 -9.79 -16.07 -7.02
N VAL A 665 -8.76 -15.64 -7.77
CA VAL A 665 -7.35 -15.85 -7.40
C VAL A 665 -7.02 -15.10 -6.10
N LEU A 666 -7.38 -13.82 -6.03
CA LEU A 666 -7.13 -12.97 -4.86
C LEU A 666 -7.81 -13.46 -3.60
N MET A 667 -8.96 -14.16 -3.76
CA MET A 667 -9.69 -14.80 -2.65
C MET A 667 -8.87 -15.99 -2.11
N LYS A 668 -8.33 -16.88 -2.99
CA LYS A 668 -7.48 -18.02 -2.61
C LYS A 668 -6.22 -17.59 -1.88
N GLN A 669 -5.67 -16.40 -2.23
CA GLN A 669 -4.46 -15.80 -1.65
C GLN A 669 -4.76 -15.26 -0.27
N GLY A 670 -5.76 -14.39 -0.18
CA GLY A 670 -6.22 -13.76 1.05
C GLY A 670 -6.61 -14.73 2.14
N GLU A 671 -7.10 -15.94 1.75
CA GLU A 671 -7.48 -17.02 2.66
C GLU A 671 -6.23 -17.65 3.27
N ALA A 672 -5.25 -18.04 2.43
CA ALA A 672 -3.96 -18.62 2.85
C ALA A 672 -3.22 -17.63 3.76
N LEU A 673 -3.29 -16.33 3.44
CA LEU A 673 -2.65 -15.28 4.24
C LEU A 673 -3.29 -15.14 5.61
N SER A 674 -4.64 -15.27 5.69
CA SER A 674 -5.41 -15.17 6.93
C SER A 674 -5.12 -16.34 7.87
N LYS A 675 -4.84 -17.53 7.29
CA LYS A 675 -4.49 -18.76 8.01
C LYS A 675 -3.08 -18.65 8.58
N LEU A 676 -2.12 -18.19 7.77
CA LEU A 676 -0.72 -18.01 8.15
C LEU A 676 -0.56 -16.99 9.28
N LYS A 677 -1.42 -15.94 9.35
CA LYS A 677 -1.37 -14.95 10.44
C LYS A 677 -1.66 -15.67 11.76
N ALA A 678 -2.75 -16.47 11.79
CA ALA A 678 -3.19 -17.29 12.92
C ALA A 678 -2.15 -18.39 13.24
N LEU A 679 -1.51 -18.96 12.20
CA LEU A 679 -0.48 -19.96 12.37
C LEU A 679 0.78 -19.31 12.97
N ASN A 680 1.07 -18.05 12.59
CA ASN A 680 2.21 -17.26 13.08
C ASN A 680 1.92 -16.82 14.52
N ASP A 681 0.68 -16.38 14.79
CA ASP A 681 0.22 -15.95 16.12
C ASP A 681 0.33 -17.09 17.14
N PHE A 682 0.09 -18.34 16.66
CA PHE A 682 0.23 -19.57 17.43
C PHE A 682 1.71 -19.78 17.78
N VAL A 683 2.59 -19.88 16.76
CA VAL A 683 4.04 -20.08 16.84
C VAL A 683 4.75 -18.97 17.67
N LYS A 684 4.24 -17.72 17.64
CA LYS A 684 4.79 -16.60 18.42
C LYS A 684 4.65 -16.86 19.92
N LEU A 685 3.48 -17.36 20.34
CA LEU A 685 3.14 -17.70 21.73
C LEU A 685 3.74 -19.06 22.12
N SER A 686 3.62 -20.08 21.23
CA SER A 686 4.13 -21.44 21.41
C SER A 686 5.67 -21.54 21.40
N SER A 687 6.36 -20.39 21.24
CA SER A 687 7.82 -20.28 21.28
C SER A 687 8.24 -19.79 22.66
N GLN A 688 7.36 -18.99 23.30
CA GLN A 688 7.53 -18.44 24.65
C GLN A 688 7.21 -19.48 25.75
N LYS A 689 7.05 -20.77 25.35
CA LYS A 689 6.75 -21.88 26.26
C LYS A 689 7.71 -23.06 26.06
N THR A 690 7.59 -23.77 24.93
CA THR A 690 8.39 -24.96 24.59
C THR A 690 9.53 -24.66 23.59
N PRO A 691 10.55 -25.56 23.43
CA PRO A 691 11.66 -25.28 22.49
C PRO A 691 11.30 -25.33 21.00
N LYS A 692 12.30 -25.05 20.15
CA LYS A 692 12.20 -24.99 18.69
C LYS A 692 11.64 -26.27 18.02
N PRO A 693 12.13 -27.53 18.27
CA PRO A 693 11.54 -28.68 17.55
C PRO A 693 10.16 -29.09 18.05
N GLN A 694 9.80 -28.72 19.29
CA GLN A 694 8.51 -28.99 19.91
C GLN A 694 7.45 -28.11 19.26
N THR A 695 7.75 -26.80 19.10
CA THR A 695 6.89 -25.79 18.46
C THR A 695 6.74 -26.15 16.97
N LYS A 696 7.83 -26.66 16.35
CA LYS A 696 7.91 -27.08 14.94
C LYS A 696 6.84 -28.14 14.64
N GLU A 697 6.78 -29.23 15.44
CA GLU A 697 5.78 -30.27 15.23
C GLU A 697 4.39 -29.86 15.69
N LEU A 698 4.30 -28.92 16.67
CA LEU A 698 3.02 -28.39 17.15
C LEU A 698 2.41 -27.45 16.08
N MET A 699 3.28 -26.86 15.23
CA MET A 699 2.93 -26.01 14.09
C MET A 699 2.42 -26.94 12.97
N HIS A 700 3.21 -27.99 12.64
CA HIS A 700 2.88 -28.98 11.59
C HIS A 700 1.50 -29.61 11.78
N LEU A 701 1.09 -29.86 13.03
CA LEU A 701 -0.22 -30.45 13.35
C LEU A 701 -1.33 -29.48 12.97
N CYS A 702 -1.14 -28.18 13.28
CA CYS A 702 -2.09 -27.11 12.95
C CYS A 702 -2.19 -26.94 11.43
N MET A 703 -1.09 -27.18 10.71
CA MET A 703 -1.00 -27.08 9.26
C MET A 703 -1.64 -28.29 8.57
N ARG A 704 -1.62 -29.47 9.23
CA ARG A 704 -2.16 -30.73 8.71
C ARG A 704 -3.68 -30.81 8.77
N GLN A 705 -4.34 -29.82 9.40
CA GLN A 705 -5.80 -29.72 9.49
C GLN A 705 -6.38 -29.43 8.09
N GLU A 706 -7.43 -30.19 7.68
CA GLU A 706 -8.09 -30.09 6.37
C GLU A 706 -8.42 -28.65 5.92
N ALA A 707 -8.99 -27.82 6.83
CA ALA A 707 -9.36 -26.42 6.57
C ALA A 707 -8.14 -25.50 6.37
N TYR A 708 -6.97 -25.86 6.98
CA TYR A 708 -5.69 -25.15 6.90
C TYR A 708 -4.94 -25.56 5.64
N LEU A 709 -4.65 -26.87 5.52
CA LEU A 709 -3.92 -27.49 4.41
C LEU A 709 -4.55 -27.18 3.05
N GLU A 710 -5.90 -27.14 2.94
CA GLU A 710 -6.61 -26.87 1.68
C GLU A 710 -6.40 -25.39 1.29
N ALA A 711 -6.49 -24.50 2.28
CA ALA A 711 -6.34 -23.05 2.13
C ALA A 711 -4.90 -22.66 1.73
N LEU A 712 -3.90 -23.32 2.35
CA LEU A 712 -2.47 -23.09 2.09
C LEU A 712 -1.99 -23.82 0.84
N SER A 713 -2.73 -24.82 0.32
CA SER A 713 -2.34 -25.55 -0.88
C SER A 713 -3.05 -24.98 -2.10
N HIS A 714 -2.47 -25.21 -3.30
CA HIS A 714 -2.96 -24.81 -4.62
C HIS A 714 -3.52 -23.39 -4.67
N LEU A 715 -2.62 -22.43 -4.92
CA LEU A 715 -2.91 -21.00 -5.04
C LEU A 715 -1.79 -20.33 -5.83
N GLN A 716 -2.12 -19.24 -6.53
CA GLN A 716 -1.13 -18.47 -7.27
C GLN A 716 -0.34 -17.67 -6.26
N SER A 717 0.99 -17.59 -6.44
CA SER A 717 1.91 -16.87 -5.54
C SER A 717 1.59 -15.37 -5.51
N PRO A 718 1.30 -14.76 -4.34
CA PRO A 718 1.01 -13.32 -4.32
C PRO A 718 2.21 -12.46 -4.70
N LEU A 719 3.45 -13.00 -4.57
CA LEU A 719 4.69 -12.30 -4.92
C LEU A 719 4.90 -12.22 -6.44
N ASP A 720 4.47 -13.26 -7.18
CA ASP A 720 4.56 -13.41 -8.64
C ASP A 720 3.36 -14.27 -9.03
N PRO A 721 2.27 -13.70 -9.60
CA PRO A 721 1.07 -14.51 -9.84
C PRO A 721 1.21 -15.55 -10.95
N SER A 722 2.32 -15.52 -11.69
CA SER A 722 2.59 -16.53 -12.73
C SER A 722 3.22 -17.80 -12.09
N THR A 723 3.54 -17.75 -10.78
CA THR A 723 4.10 -18.87 -10.01
C THR A 723 2.96 -19.59 -9.31
N LEU A 724 2.87 -20.91 -9.52
CA LEU A 724 1.83 -21.74 -8.89
C LEU A 724 2.37 -22.42 -7.62
N LEU A 725 1.85 -22.01 -6.45
CA LEU A 725 2.23 -22.64 -5.20
C LEU A 725 1.24 -23.79 -5.04
N ALA A 726 1.69 -25.03 -5.37
CA ALA A 726 0.83 -26.21 -5.38
C ALA A 726 0.78 -27.01 -4.06
N GLU A 727 1.76 -27.91 -3.80
CA GLU A 727 1.81 -28.83 -2.65
C GLU A 727 2.66 -28.34 -1.47
N VAL A 728 2.02 -28.09 -0.31
CA VAL A 728 2.73 -27.66 0.91
C VAL A 728 3.57 -28.82 1.45
N CYS A 729 4.87 -28.56 1.69
CA CYS A 729 5.80 -29.53 2.24
C CYS A 729 5.92 -29.24 3.72
N VAL A 730 4.95 -29.78 4.49
CA VAL A 730 4.78 -29.61 5.94
C VAL A 730 6.03 -30.06 6.73
N GLU A 731 6.81 -31.03 6.21
CA GLU A 731 8.05 -31.47 6.86
C GLU A 731 9.12 -30.38 6.72
N GLN A 732 9.22 -29.80 5.49
CA GLN A 732 10.14 -28.71 5.12
C GLN A 732 9.77 -27.36 5.76
N CYS A 733 8.48 -27.17 6.14
CA CYS A 733 7.97 -25.95 6.78
C CYS A 733 8.60 -25.72 8.15
N THR A 734 9.03 -24.47 8.43
CA THR A 734 9.67 -24.07 9.69
C THR A 734 9.28 -22.60 10.05
N PHE A 735 10.04 -22.00 10.97
CA PHE A 735 9.97 -20.60 11.39
C PHE A 735 11.40 -20.16 11.70
N MET A 736 11.68 -18.86 11.57
CA MET A 736 13.02 -18.33 11.79
C MET A 736 13.16 -17.68 13.15
N ASP A 737 14.25 -18.02 13.88
CA ASP A 737 14.53 -17.48 15.20
C ASP A 737 15.02 -16.03 15.07
N SER A 738 14.07 -15.09 14.93
CA SER A 738 14.35 -13.67 14.77
C SER A 738 13.33 -12.78 15.51
N LYS A 739 13.59 -11.44 15.51
CA LYS A 739 12.81 -10.37 16.15
C LYS A 739 11.27 -10.50 16.08
N MET A 740 10.74 -11.11 15.00
CA MET A 740 9.28 -11.28 14.78
C MET A 740 8.85 -12.74 14.45
N LYS A 741 9.80 -13.70 14.50
CA LYS A 741 9.61 -15.14 14.25
C LYS A 741 8.80 -15.43 12.94
N PRO A 742 9.44 -15.24 11.75
CA PRO A 742 8.72 -15.42 10.48
C PRO A 742 8.67 -16.85 10.00
N LEU A 743 7.53 -17.24 9.38
CA LEU A 743 7.28 -18.60 8.89
C LEU A 743 7.91 -18.93 7.54
N TRP A 744 8.67 -20.03 7.49
CA TRP A 744 9.34 -20.57 6.31
C TRP A 744 8.40 -21.62 5.73
N ILE A 745 7.71 -21.32 4.61
CA ILE A 745 6.73 -22.22 3.99
C ILE A 745 7.26 -22.73 2.66
N MET A 746 7.36 -24.06 2.50
CA MET A 746 7.90 -24.68 1.29
C MET A 746 6.85 -25.32 0.39
N TYR A 747 7.03 -25.21 -0.95
CA TYR A 747 6.13 -25.77 -1.96
C TYR A 747 6.84 -26.61 -3.00
N SER A 748 6.22 -27.74 -3.31
CA SER A 748 6.70 -28.68 -4.32
C SER A 748 5.66 -28.75 -5.41
N ASN A 749 6.13 -28.93 -6.66
CA ASN A 749 5.27 -29.01 -7.84
C ASN A 749 5.66 -30.20 -8.71
N GLU A 750 4.77 -31.24 -8.76
CA GLU A 750 4.95 -32.47 -9.56
C GLU A 750 4.76 -32.26 -11.09
N GLU A 751 4.32 -31.04 -11.49
CA GLU A 751 4.11 -30.63 -12.88
C GLU A 751 5.18 -29.68 -13.44
N ALA A 752 5.97 -29.00 -12.56
CA ALA A 752 7.03 -28.06 -12.94
C ALA A 752 8.36 -28.76 -13.25
N GLY A 756 12.05 -24.80 -9.06
CA GLY A 756 11.35 -26.08 -9.02
C GLY A 756 10.61 -26.32 -7.72
N SER A 757 11.31 -26.11 -6.58
CA SER A 757 10.78 -26.27 -5.23
C SER A 757 10.63 -24.88 -4.58
N VAL A 758 9.71 -24.06 -5.12
CA VAL A 758 9.39 -22.68 -4.69
C VAL A 758 9.10 -22.59 -3.18
N GLY A 759 9.60 -21.53 -2.54
CA GLY A 759 9.38 -21.25 -1.12
C GLY A 759 8.94 -19.81 -0.91
N ILE A 760 8.25 -19.54 0.21
CA ILE A 760 7.77 -18.20 0.59
C ILE A 760 7.97 -17.97 2.09
N ILE A 761 8.17 -16.70 2.51
CA ILE A 761 8.33 -16.35 3.94
C ILE A 761 7.19 -15.45 4.42
N PHE A 762 6.37 -15.92 5.38
CA PHE A 762 5.29 -15.10 5.95
C PHE A 762 5.78 -14.37 7.19
N LYS A 763 5.95 -13.06 7.08
CA LYS A 763 6.44 -12.25 8.19
C LYS A 763 5.33 -11.36 8.72
N ASN A 764 5.15 -11.33 10.05
CA ASN A 764 4.18 -10.48 10.72
C ASN A 764 4.88 -9.82 11.88
N GLY A 765 4.60 -8.53 12.10
CA GLY A 765 5.20 -7.77 13.19
C GLY A 765 5.88 -6.46 12.80
N ASP A 766 6.63 -6.44 11.69
CA ASP A 766 7.29 -5.21 11.25
C ASP A 766 7.05 -4.89 9.78
N ASP A 767 6.76 -3.60 9.52
CA ASP A 767 6.48 -2.94 8.23
C ASP A 767 7.51 -3.33 7.16
N LEU A 768 7.04 -3.89 6.03
CA LEU A 768 7.88 -4.35 4.94
C LEU A 768 7.93 -3.43 3.70
N ARG A 769 7.40 -2.22 3.84
CA ARG A 769 7.31 -1.22 2.76
C ARG A 769 8.68 -0.70 2.34
N GLN A 770 9.53 -0.33 3.33
CA GLN A 770 10.89 0.15 3.16
C GLN A 770 11.71 -0.86 2.35
N ASP A 771 11.63 -2.16 2.73
CA ASP A 771 12.33 -3.26 2.06
C ASP A 771 11.84 -3.39 0.64
N MET A 772 10.53 -3.24 0.40
CA MET A 772 9.95 -3.29 -0.95
C MET A 772 10.42 -2.09 -1.78
N LEU A 773 10.51 -0.88 -1.18
CA LEU A 773 11.01 0.28 -1.92
C LEU A 773 12.46 0.10 -2.32
N THR A 774 13.30 -0.40 -1.38
CA THR A 774 14.73 -0.63 -1.59
C THR A 774 14.94 -1.62 -2.74
N LEU A 775 14.25 -2.78 -2.68
CA LEU A 775 14.32 -3.84 -3.68
C LEU A 775 13.83 -3.39 -5.05
N GLN A 776 12.75 -2.57 -5.09
CA GLN A 776 12.17 -1.97 -6.30
C GLN A 776 13.25 -1.06 -6.92
N MET A 777 13.98 -0.30 -6.09
CA MET A 777 15.03 0.59 -6.53
C MET A 777 16.22 -0.17 -7.11
N ILE A 778 16.59 -1.29 -6.46
CA ILE A 778 17.66 -2.20 -6.91
C ILE A 778 17.25 -2.86 -8.25
N GLN A 779 15.97 -3.22 -8.40
CA GLN A 779 15.41 -3.81 -9.63
C GLN A 779 15.50 -2.79 -10.77
N LEU A 780 15.16 -1.51 -10.51
CA LEU A 780 15.24 -0.42 -11.48
C LEU A 780 16.65 -0.27 -11.97
N MET A 781 17.65 -0.20 -11.03
CA MET A 781 19.09 -0.14 -11.31
C MET A 781 19.45 -1.30 -12.24
N ASP A 782 19.08 -2.56 -11.83
CA ASP A 782 19.28 -3.80 -12.59
C ASP A 782 18.75 -3.68 -14.04
N VAL A 783 17.58 -3.08 -14.24
CA VAL A 783 16.97 -2.87 -15.56
C VAL A 783 17.75 -1.82 -16.34
N LEU A 784 17.98 -0.63 -15.71
CA LEU A 784 18.74 0.49 -16.28
C LEU A 784 20.13 0.04 -16.75
N TRP A 785 20.79 -0.84 -15.96
CA TRP A 785 22.09 -1.43 -16.26
C TRP A 785 21.95 -2.38 -17.46
N LYS A 786 21.02 -3.39 -17.37
CA LYS A 786 20.73 -4.36 -18.43
C LYS A 786 20.43 -3.68 -19.77
N GLN A 787 19.82 -2.48 -19.72
CA GLN A 787 19.52 -1.66 -20.88
C GLN A 787 20.79 -1.16 -21.60
N GLU A 788 21.89 -0.95 -20.85
CA GLU A 788 23.19 -0.53 -21.39
C GLU A 788 24.14 -1.75 -21.52
N GLY A 789 23.54 -2.93 -21.75
CA GLY A 789 24.21 -4.22 -21.91
C GLY A 789 25.04 -4.70 -20.74
N LEU A 790 24.76 -4.19 -19.54
CA LEU A 790 25.50 -4.58 -18.34
C LEU A 790 24.60 -5.40 -17.40
N ASP A 791 24.90 -6.70 -17.29
CA ASP A 791 24.16 -7.62 -16.42
C ASP A 791 25.06 -7.90 -15.23
N LEU A 792 24.71 -7.31 -14.08
CA LEU A 792 25.50 -7.48 -12.87
C LEU A 792 24.96 -8.61 -11.97
N ARG A 793 24.31 -9.61 -12.60
CA ARG A 793 23.74 -10.84 -12.00
C ARG A 793 23.18 -10.59 -10.59
N MET A 794 22.18 -9.70 -10.52
CA MET A 794 21.51 -9.30 -9.28
C MET A 794 20.38 -10.28 -8.94
N THR A 795 20.05 -10.37 -7.63
CA THR A 795 18.98 -11.25 -7.11
C THR A 795 17.79 -10.39 -6.61
N PRO A 796 16.89 -9.93 -7.51
CA PRO A 796 15.76 -9.12 -7.02
C PRO A 796 14.59 -10.03 -6.60
N TYR A 797 14.69 -10.54 -5.36
CA TYR A 797 13.68 -11.44 -4.78
C TYR A 797 12.48 -10.58 -4.42
N GLY A 798 11.30 -11.17 -4.48
CA GLY A 798 10.05 -10.49 -4.21
C GLY A 798 9.83 -10.23 -2.74
N CYS A 799 9.16 -9.13 -2.44
CA CYS A 799 8.79 -8.68 -1.10
C CYS A 799 7.48 -7.96 -1.30
N LEU A 800 6.43 -8.47 -0.67
CA LEU A 800 5.12 -7.87 -0.83
C LEU A 800 4.39 -7.61 0.49
N PRO A 801 4.25 -6.33 0.94
CA PRO A 801 3.38 -6.08 2.10
C PRO A 801 1.93 -6.44 1.71
N THR A 802 1.27 -7.29 2.51
CA THR A 802 -0.10 -7.76 2.28
C THR A 802 -1.09 -7.07 3.24
N GLY A 803 -0.59 -6.47 4.32
CA GLY A 803 -1.41 -5.76 5.28
C GLY A 803 -0.61 -5.11 6.38
N ASP A 804 -1.33 -4.61 7.43
CA ASP A 804 -0.82 -3.98 8.65
C ASP A 804 0.31 -4.80 9.25
N ARG A 805 1.56 -4.32 9.07
CA ARG A 805 2.78 -5.00 9.52
C ARG A 805 2.79 -6.50 9.15
N THR A 806 2.22 -6.82 7.98
CA THR A 806 2.12 -8.16 7.40
C THR A 806 2.70 -8.13 5.96
N GLY A 807 3.37 -9.22 5.56
CA GLY A 807 3.92 -9.37 4.22
C GLY A 807 4.48 -10.74 3.86
N LEU A 808 5.02 -10.84 2.64
CA LEU A 808 5.67 -12.04 2.14
C LEU A 808 7.01 -11.68 1.53
N ILE A 809 7.98 -12.61 1.56
CA ILE A 809 9.32 -12.45 0.98
C ILE A 809 9.66 -13.75 0.26
N GLU A 810 10.15 -13.65 -0.97
CA GLU A 810 10.50 -14.80 -1.78
C GLU A 810 11.76 -15.52 -1.27
N VAL A 811 11.68 -16.85 -1.14
CA VAL A 811 12.78 -17.71 -0.73
C VAL A 811 13.70 -17.85 -1.92
N VAL A 812 14.97 -17.48 -1.74
CA VAL A 812 16.03 -17.63 -2.73
C VAL A 812 16.64 -18.99 -2.40
N LEU A 813 16.33 -20.00 -3.22
CA LEU A 813 16.82 -21.35 -2.99
C LEU A 813 18.31 -21.51 -3.26
N ARG A 814 18.95 -22.47 -2.53
CA ARG A 814 20.36 -22.81 -2.58
C ARG A 814 21.25 -21.60 -2.19
N SER A 815 20.98 -21.00 -0.99
CA SER A 815 21.72 -19.84 -0.50
C SER A 815 21.77 -19.70 1.02
N ASP A 816 22.87 -19.09 1.54
CA ASP A 816 23.07 -18.83 2.98
C ASP A 816 23.85 -17.53 3.24
N THR A 817 23.84 -17.04 4.50
CA THR A 817 24.51 -15.80 4.91
C THR A 817 26.00 -15.97 5.06
N ILE A 818 26.78 -14.95 4.64
CA ILE A 818 28.24 -14.87 4.72
C ILE A 818 28.73 -15.34 6.10
N ALA A 819 28.10 -14.83 7.19
CA ALA A 819 28.42 -15.19 8.59
C ALA A 819 28.30 -16.71 8.81
N ASN A 820 27.19 -17.32 8.39
CA ASN A 820 26.97 -18.77 8.50
C ASN A 820 27.93 -19.59 7.62
N ILE A 821 28.43 -18.98 6.52
CA ILE A 821 29.41 -19.62 5.62
C ILE A 821 30.79 -19.67 6.28
N GLN A 822 31.15 -18.61 7.03
CA GLN A 822 32.41 -18.47 7.76
C GLN A 822 32.37 -19.21 9.13
N LEU A 823 31.73 -20.40 9.16
CA LEU A 823 31.56 -21.27 10.33
C LEU A 823 31.50 -22.73 9.87
N LEU A 839 34.77 -19.37 2.76
CA LEU A 839 34.12 -18.56 1.73
C LEU A 839 34.49 -19.01 0.32
N LEU A 840 35.80 -19.07 0.02
CA LEU A 840 36.30 -19.55 -1.27
C LEU A 840 36.20 -21.09 -1.30
N ASN A 841 36.20 -21.71 -0.11
CA ASN A 841 36.02 -23.15 0.07
C ASN A 841 34.55 -23.51 -0.12
N TRP A 842 33.63 -22.56 0.22
CA TRP A 842 32.18 -22.74 0.05
C TRP A 842 31.86 -22.74 -1.44
N LEU A 843 32.55 -21.88 -2.22
CA LEU A 843 32.40 -21.81 -3.67
C LEU A 843 33.00 -23.03 -4.34
N LYS A 844 34.10 -23.59 -3.76
CA LYS A 844 34.77 -24.78 -4.27
C LYS A 844 33.86 -26.01 -4.14
N SER A 845 33.26 -26.18 -2.95
CA SER A 845 32.35 -27.27 -2.61
C SER A 845 30.96 -27.16 -3.27
N LYS A 846 30.75 -26.10 -4.09
CA LYS A 846 29.50 -25.82 -4.81
C LYS A 846 29.72 -25.55 -6.31
N ASN A 847 30.98 -25.37 -6.75
CA ASN A 847 31.36 -25.13 -8.16
C ASN A 847 32.68 -25.85 -8.52
N PRO A 848 32.74 -27.21 -8.59
CA PRO A 848 34.02 -27.86 -8.91
C PRO A 848 34.39 -27.81 -10.39
N GLY A 849 35.70 -27.74 -10.66
CA GLY A 849 36.26 -27.72 -12.01
C GLY A 849 36.29 -26.36 -12.64
N GLU A 850 35.72 -26.25 -13.86
CA GLU A 850 35.63 -25.02 -14.64
C GLU A 850 34.46 -24.13 -14.17
N ALA A 851 33.63 -24.68 -13.25
CA ALA A 851 32.47 -24.02 -12.64
C ALA A 851 32.89 -22.95 -11.63
N LEU A 852 34.11 -23.07 -11.04
CA LEU A 852 34.65 -22.13 -10.06
C LEU A 852 34.91 -20.75 -10.66
N ASP A 853 35.35 -20.71 -11.93
CA ASP A 853 35.61 -19.45 -12.64
C ASP A 853 34.31 -18.77 -13.07
N ARG A 854 33.20 -19.55 -13.17
CA ARG A 854 31.86 -19.05 -13.49
C ARG A 854 31.34 -18.30 -12.27
N ALA A 855 31.41 -18.96 -11.08
CA ALA A 855 31.00 -18.42 -9.79
C ALA A 855 31.77 -17.15 -9.41
N ILE A 856 33.11 -17.13 -9.64
CA ILE A 856 33.99 -15.99 -9.37
C ILE A 856 33.50 -14.76 -10.16
N GLU A 857 33.08 -14.96 -11.43
CA GLU A 857 32.54 -13.89 -12.28
C GLU A 857 31.15 -13.43 -11.79
N GLU A 858 30.30 -14.37 -11.30
CA GLU A 858 28.98 -14.07 -10.75
C GLU A 858 29.15 -13.24 -9.47
N PHE A 859 30.16 -13.60 -8.63
CA PHE A 859 30.48 -12.93 -7.37
C PHE A 859 30.97 -11.51 -7.63
N THR A 860 31.92 -11.34 -8.56
CA THR A 860 32.49 -10.08 -8.97
C THR A 860 31.40 -9.16 -9.52
N LEU A 861 30.51 -9.69 -10.40
CA LEU A 861 29.42 -8.95 -11.03
C LEU A 861 28.35 -8.50 -10.02
N SER A 862 27.90 -9.42 -9.15
CA SER A 862 26.92 -9.07 -8.13
C SER A 862 27.51 -8.16 -7.04
N CYS A 863 28.80 -8.35 -6.68
CA CYS A 863 29.51 -7.54 -5.67
C CYS A 863 29.46 -6.05 -6.09
N ALA A 864 29.90 -5.75 -7.34
CA ALA A 864 29.92 -4.42 -7.93
C ALA A 864 28.57 -3.71 -7.83
N GLY A 865 27.51 -4.36 -8.35
CA GLY A 865 26.14 -3.89 -8.35
C GLY A 865 25.59 -3.58 -6.98
N TYR A 866 25.72 -4.52 -6.03
CA TYR A 866 25.29 -4.35 -4.64
C TYR A 866 26.16 -3.37 -3.86
N CYS A 867 27.42 -3.12 -4.30
CA CYS A 867 28.30 -2.13 -3.66
C CYS A 867 27.84 -0.75 -4.10
N VAL A 868 27.59 -0.60 -5.42
CA VAL A 868 27.11 0.64 -6.02
C VAL A 868 25.70 0.98 -5.46
N ALA A 869 24.77 0.01 -5.51
CA ALA A 869 23.40 0.13 -4.99
C ALA A 869 23.34 0.56 -3.55
N THR A 870 24.10 -0.12 -2.64
CA THR A 870 24.06 0.21 -1.20
C THR A 870 24.66 1.60 -0.89
N TYR A 871 25.62 2.05 -1.72
CA TYR A 871 26.25 3.36 -1.55
C TYR A 871 25.26 4.47 -1.92
N VAL A 872 24.62 4.31 -3.09
CA VAL A 872 23.66 5.25 -3.66
C VAL A 872 22.42 5.40 -2.77
N LEU A 873 21.85 4.29 -2.30
CA LEU A 873 20.68 4.34 -1.44
C LEU A 873 21.02 4.69 0.02
N GLY A 874 22.32 4.75 0.33
CA GLY A 874 22.80 5.07 1.66
C GLY A 874 22.51 3.99 2.67
N ILE A 875 22.44 2.73 2.21
CA ILE A 875 22.13 1.62 3.11
C ILE A 875 23.35 1.25 3.95
N GLY A 876 23.31 1.62 5.23
CA GLY A 876 24.37 1.30 6.18
C GLY A 876 24.10 0.00 6.91
N ASP A 877 24.92 -0.30 7.95
CA ASP A 877 24.83 -1.51 8.79
C ASP A 877 24.91 -2.82 7.96
N ARG A 878 25.78 -2.82 6.92
CA ARG A 878 25.99 -3.97 6.03
C ARG A 878 27.08 -4.87 6.55
N HIS A 879 26.67 -6.00 7.12
CA HIS A 879 27.55 -7.01 7.70
C HIS A 879 27.25 -8.40 7.16
N SER A 880 28.06 -9.39 7.53
CA SER A 880 27.95 -10.79 7.12
C SER A 880 26.61 -11.47 7.47
N ASP A 881 25.87 -10.94 8.46
CA ASP A 881 24.57 -11.49 8.85
C ASP A 881 23.46 -11.10 7.88
N ASN A 882 23.60 -9.95 7.20
CA ASN A 882 22.58 -9.52 6.24
C ASN A 882 23.09 -9.51 4.78
N ILE A 883 24.24 -10.18 4.53
CA ILE A 883 24.75 -10.37 3.18
C ILE A 883 24.71 -11.88 2.91
N MET A 884 24.15 -12.29 1.77
CA MET A 884 23.98 -13.70 1.43
C MET A 884 24.57 -14.08 0.10
N ILE A 885 25.11 -15.31 0.01
CA ILE A 885 25.66 -15.85 -1.24
C ILE A 885 24.83 -17.03 -1.69
N ARG A 886 24.68 -17.16 -3.00
CA ARG A 886 24.00 -18.24 -3.68
C ARG A 886 25.07 -19.21 -4.18
N GLU A 887 24.73 -20.51 -4.23
CA GLU A 887 25.59 -21.62 -4.70
C GLU A 887 26.17 -21.39 -6.08
N SER A 888 25.52 -20.54 -6.90
CA SER A 888 25.95 -20.15 -8.24
C SER A 888 27.13 -19.14 -8.21
N GLY A 889 27.31 -18.45 -7.07
CA GLY A 889 28.34 -17.45 -6.89
C GLY A 889 27.82 -16.03 -6.65
N GLN A 890 26.52 -15.79 -6.97
CA GLN A 890 25.85 -14.50 -6.80
C GLN A 890 25.70 -14.09 -5.32
N LEU A 891 26.13 -12.87 -5.02
CA LEU A 891 26.08 -12.23 -3.72
C LEU A 891 24.89 -11.25 -3.72
N PHE A 892 24.16 -11.12 -2.60
CA PHE A 892 23.01 -10.20 -2.48
C PHE A 892 22.75 -9.77 -1.03
N HIS A 893 22.12 -8.58 -0.88
CA HIS A 893 21.79 -8.01 0.43
C HIS A 893 20.35 -8.28 0.78
N ILE A 894 20.12 -8.58 2.07
CA ILE A 894 18.83 -8.92 2.67
C ILE A 894 18.53 -7.93 3.79
N ASP A 895 17.28 -7.94 4.28
CA ASP A 895 16.72 -7.09 5.35
C ASP A 895 17.36 -5.69 5.47
N PHE A 896 16.71 -4.73 4.82
CA PHE A 896 17.11 -3.34 4.81
C PHE A 896 16.13 -2.65 5.73
N GLY A 897 16.66 -1.91 6.69
CA GLY A 897 15.82 -1.19 7.65
C GLY A 897 16.15 0.28 7.66
N HIS A 898 17.44 0.58 7.48
CA HIS A 898 18.01 1.92 7.46
C HIS A 898 18.26 2.35 6.03
N PHE A 899 17.59 3.45 5.64
CA PHE A 899 17.54 3.98 4.30
C PHE A 899 18.67 4.85 3.88
N LEU A 900 18.44 6.16 3.74
CA LEU A 900 19.39 7.13 3.20
C LEU A 900 20.26 7.72 4.30
N GLY A 901 21.16 6.88 4.80
CA GLY A 901 22.05 7.19 5.90
C GLY A 901 21.41 6.74 7.20
N ASN A 902 20.27 7.38 7.54
CA ASN A 902 19.39 7.22 8.70
C ASN A 902 19.56 5.88 9.49
N PHE A 903 20.64 5.78 10.29
CA PHE A 903 21.06 4.64 11.11
C PHE A 903 20.19 4.50 12.36
N ARG A 911 21.30 10.60 9.83
CA ARG A 911 21.32 11.06 8.44
C ARG A 911 22.76 11.27 7.89
N GLU A 912 23.75 10.70 8.63
CA GLU A 912 25.19 10.74 8.31
C GLU A 912 25.51 9.95 7.04
N ARG A 913 26.39 10.50 6.18
CA ARG A 913 26.82 9.88 4.92
C ARG A 913 27.48 8.51 5.11
N VAL A 914 26.95 7.52 4.38
CA VAL A 914 27.40 6.13 4.32
C VAL A 914 28.48 6.06 3.23
N PRO A 915 29.71 5.59 3.54
CA PRO A 915 30.76 5.54 2.51
C PRO A 915 30.66 4.29 1.63
N PHE A 916 31.33 4.32 0.45
CA PHE A 916 31.40 3.16 -0.44
C PHE A 916 32.19 2.11 0.35
N ILE A 917 31.69 0.87 0.41
CA ILE A 917 32.32 -0.17 1.22
C ILE A 917 32.78 -1.39 0.41
N LEU A 918 34.08 -1.71 0.52
CA LEU A 918 34.71 -2.91 -0.06
C LEU A 918 35.13 -3.76 1.10
N THR A 919 34.73 -5.03 1.11
CA THR A 919 35.05 -6.00 2.18
C THR A 919 36.28 -6.78 1.74
N TYR A 920 37.24 -6.98 2.68
CA TYR A 920 38.51 -7.71 2.47
C TYR A 920 38.24 -9.07 1.86
N ASP A 921 37.33 -9.84 2.53
CA ASP A 921 36.85 -11.17 2.15
C ASP A 921 36.36 -11.23 0.71
N PHE A 922 35.64 -10.19 0.26
CA PHE A 922 35.08 -10.10 -1.09
C PHE A 922 36.16 -9.80 -2.11
N VAL A 923 37.09 -8.89 -1.78
CA VAL A 923 38.23 -8.53 -2.66
C VAL A 923 39.11 -9.77 -2.85
N HIS A 924 39.31 -10.54 -1.76
CA HIS A 924 40.06 -11.79 -1.73
C HIS A 924 39.49 -12.75 -2.78
N VAL A 925 38.15 -13.00 -2.74
CA VAL A 925 37.38 -13.85 -3.65
C VAL A 925 37.46 -13.30 -5.09
N ILE A 926 37.28 -11.97 -5.27
CA ILE A 926 37.37 -11.32 -6.58
C ILE A 926 38.75 -11.60 -7.23
N GLN A 927 39.81 -11.58 -6.41
CA GLN A 927 41.19 -11.80 -6.86
C GLN A 927 41.56 -13.29 -7.04
N GLN A 928 40.56 -14.20 -6.88
CA GLN A 928 40.65 -15.66 -7.05
C GLN A 928 41.54 -16.34 -6.00
N GLY A 929 41.97 -15.57 -4.99
CA GLY A 929 42.82 -16.06 -3.91
C GLY A 929 44.16 -15.36 -3.84
N LYS A 930 44.60 -14.76 -4.97
CA LYS A 930 45.85 -14.00 -5.08
C LYS A 930 45.87 -12.77 -4.15
N THR A 931 47.08 -12.27 -3.81
CA THR A 931 47.24 -11.06 -2.99
C THR A 931 47.14 -9.85 -3.93
N ASN A 932 47.71 -9.98 -5.16
CA ASN A 932 47.69 -8.95 -6.20
C ASN A 932 47.30 -9.56 -7.53
N ASN A 933 46.11 -9.18 -8.02
CA ASN A 933 45.55 -9.65 -9.28
C ASN A 933 44.94 -8.48 -10.05
N SER A 934 45.80 -7.51 -10.42
CA SER A 934 45.47 -6.29 -11.18
C SER A 934 44.47 -6.53 -12.31
N GLU A 935 44.64 -7.63 -13.09
CA GLU A 935 43.76 -8.01 -14.23
C GLU A 935 42.30 -8.15 -13.79
N LYS A 936 42.07 -8.91 -12.71
CA LYS A 936 40.75 -9.16 -12.16
C LYS A 936 40.22 -7.94 -11.41
N PHE A 937 41.01 -7.40 -10.46
CA PHE A 937 40.61 -6.26 -9.64
C PHE A 937 40.20 -5.02 -10.43
N GLU A 938 40.92 -4.68 -11.52
CA GLU A 938 40.61 -3.51 -12.34
C GLU A 938 39.39 -3.70 -13.24
N ARG A 939 39.03 -4.98 -13.52
CA ARG A 939 37.85 -5.36 -14.32
C ARG A 939 36.64 -5.06 -13.44
N PHE A 940 36.74 -5.44 -12.13
CA PHE A 940 35.76 -5.25 -11.07
C PHE A 940 35.50 -3.77 -10.79
N ARG A 941 36.57 -2.97 -10.69
CA ARG A 941 36.56 -1.52 -10.47
C ARG A 941 35.84 -0.86 -11.67
N GLY A 942 36.04 -1.43 -12.87
CA GLY A 942 35.41 -0.97 -14.10
C GLY A 942 33.91 -1.15 -14.05
N TYR A 943 33.44 -2.31 -13.50
CA TYR A 943 32.02 -2.61 -13.32
C TYR A 943 31.38 -1.59 -12.37
N CYS A 944 32.07 -1.26 -11.26
CA CYS A 944 31.61 -0.29 -10.25
C CYS A 944 31.46 1.09 -10.87
N GLU A 945 32.49 1.51 -11.65
CA GLU A 945 32.49 2.80 -12.33
C GLU A 945 31.42 2.84 -13.42
N ARG A 946 31.19 1.72 -14.13
CA ARG A 946 30.17 1.66 -15.19
C ARG A 946 28.77 1.73 -14.60
N ALA A 947 28.51 0.92 -13.56
CA ALA A 947 27.24 0.89 -12.84
C ALA A 947 26.84 2.26 -12.27
N TYR A 948 27.80 2.96 -11.64
CA TYR A 948 27.60 4.29 -11.05
C TYR A 948 27.27 5.34 -12.11
N THR A 949 28.00 5.32 -13.25
CA THR A 949 27.85 6.24 -14.39
C THR A 949 26.47 6.10 -15.01
N ILE A 950 25.99 4.85 -15.19
CA ILE A 950 24.65 4.57 -15.75
C ILE A 950 23.58 5.17 -14.83
N LEU A 951 23.71 4.96 -13.50
CA LEU A 951 22.79 5.46 -12.48
C LEU A 951 22.64 6.97 -12.47
N ARG A 952 23.77 7.68 -12.69
CA ARG A 952 23.85 9.15 -12.77
C ARG A 952 23.07 9.66 -13.97
N ARG A 953 23.13 8.92 -15.10
CA ARG A 953 22.43 9.27 -16.33
C ARG A 953 20.92 9.31 -16.10
N HIS A 954 20.42 8.45 -15.17
CA HIS A 954 19.02 8.35 -14.79
C HIS A 954 18.74 8.88 -13.37
N GLY A 955 19.63 9.77 -12.89
CA GLY A 955 19.56 10.39 -11.57
C GLY A 955 18.24 11.04 -11.22
N LEU A 956 17.71 11.88 -12.15
CA LEU A 956 16.41 12.57 -11.98
C LEU A 956 15.24 11.59 -11.85
N LEU A 957 15.35 10.38 -12.44
CA LEU A 957 14.31 9.37 -12.31
C LEU A 957 14.21 8.97 -10.84
N PHE A 958 15.36 8.72 -10.20
CA PHE A 958 15.43 8.38 -8.79
C PHE A 958 14.96 9.53 -7.88
N LEU A 959 15.28 10.79 -8.24
CA LEU A 959 14.85 11.94 -7.43
C LEU A 959 13.33 12.09 -7.49
N HIS A 960 12.76 12.06 -8.71
CA HIS A 960 11.32 12.16 -8.98
C HIS A 960 10.56 11.03 -8.30
N LEU A 961 11.07 9.78 -8.41
CA LEU A 961 10.46 8.60 -7.79
C LEU A 961 10.49 8.66 -6.26
N PHE A 962 11.63 9.03 -5.69
CA PHE A 962 11.76 9.22 -4.24
C PHE A 962 10.89 10.38 -3.75
N ALA A 963 10.87 11.51 -4.48
CA ALA A 963 10.06 12.68 -4.16
C ALA A 963 8.58 12.34 -4.04
N LEU A 964 8.06 11.46 -4.94
CA LEU A 964 6.66 11.01 -4.92
C LEU A 964 6.47 10.03 -3.75
N MET A 965 7.53 9.24 -3.39
CA MET A 965 7.47 8.30 -2.27
C MET A 965 7.38 8.99 -0.89
N ARG A 966 7.47 10.33 -0.85
CA ARG A 966 7.33 11.06 0.41
C ARG A 966 5.89 10.99 0.95
N ALA A 967 4.94 10.56 0.09
CA ALA A 967 3.52 10.39 0.37
C ALA A 967 3.27 9.16 1.24
N ALA A 968 4.20 8.16 1.18
CA ALA A 968 4.15 6.90 1.92
C ALA A 968 4.19 7.01 3.45
N GLY A 969 4.72 8.13 3.95
CA GLY A 969 4.84 8.39 5.39
C GLY A 969 5.95 7.63 6.09
N LEU A 970 6.95 7.14 5.35
CA LEU A 970 8.09 6.45 5.94
C LEU A 970 8.94 7.52 6.65
N PRO A 971 9.35 7.31 7.93
CA PRO A 971 10.15 8.34 8.63
C PRO A 971 11.53 8.64 8.03
N GLU A 972 12.15 7.64 7.35
CA GLU A 972 13.46 7.78 6.71
C GLU A 972 13.37 8.46 5.33
N LEU A 973 12.14 8.75 4.87
CA LEU A 973 11.84 9.43 3.61
C LEU A 973 10.64 10.38 3.83
N SER A 974 10.90 11.52 4.48
CA SER A 974 9.86 12.49 4.84
C SER A 974 10.14 13.94 4.43
N CYS A 975 11.38 14.25 4.06
CA CYS A 975 11.74 15.62 3.73
C CYS A 975 12.60 15.73 2.49
N SER A 976 12.86 16.97 2.07
CA SER A 976 13.71 17.31 0.93
C SER A 976 15.18 16.89 1.14
N LYS A 977 15.66 16.86 2.43
CA LYS A 977 17.04 16.45 2.76
C LYS A 977 17.31 14.97 2.48
N ASP A 978 16.28 14.10 2.66
CA ASP A 978 16.34 12.67 2.35
C ASP A 978 16.56 12.48 0.84
N ILE A 979 15.88 13.32 0.02
CA ILE A 979 15.99 13.37 -1.45
C ILE A 979 17.36 13.96 -1.80
N GLN A 980 17.82 14.96 -1.02
CA GLN A 980 19.11 15.63 -1.19
C GLN A 980 20.26 14.65 -1.09
N TYR A 981 20.13 13.62 -0.20
CA TYR A 981 21.10 12.54 -0.02
C TYR A 981 21.49 11.93 -1.38
N LEU A 982 20.48 11.65 -2.23
CA LEU A 982 20.63 11.08 -3.56
C LEU A 982 21.33 11.98 -4.55
N LYS A 983 21.11 13.32 -4.45
CA LYS A 983 21.77 14.30 -5.33
C LYS A 983 23.28 14.21 -5.07
N ASP A 984 23.65 14.13 -3.77
CA ASP A 984 25.02 14.03 -3.29
C ASP A 984 25.66 12.67 -3.59
N SER A 985 24.94 11.54 -3.31
CA SER A 985 25.44 10.17 -3.58
C SER A 985 25.64 9.94 -5.08
N LEU A 986 24.76 10.52 -5.91
CA LEU A 986 24.87 10.41 -7.35
C LEU A 986 25.62 11.60 -7.94
N ALA A 987 26.16 12.51 -7.08
CA ALA A 987 26.95 13.70 -7.50
C ALA A 987 26.30 14.40 -8.72
N LEU A 988 24.98 14.64 -8.61
CA LEU A 988 24.16 15.21 -9.68
C LEU A 988 24.47 16.68 -9.98
N GLY A 989 25.03 17.40 -9.00
CA GLY A 989 25.42 18.79 -9.17
C GLY A 989 26.85 18.98 -9.65
N LYS A 990 27.39 17.95 -10.33
CA LYS A 990 28.76 17.87 -10.87
C LYS A 990 28.71 17.41 -12.32
N THR A 991 29.86 17.39 -12.98
CA THR A 991 29.96 16.89 -14.36
C THR A 991 30.34 15.41 -14.26
N GLU A 992 30.02 14.61 -15.31
CA GLU A 992 30.32 13.18 -15.36
C GLU A 992 31.78 12.87 -15.00
N GLU A 993 32.73 13.68 -15.52
CA GLU A 993 34.16 13.55 -15.25
C GLU A 993 34.52 13.91 -13.78
N GLU A 994 33.90 14.98 -13.23
CA GLU A 994 34.10 15.42 -11.84
C GLU A 994 33.54 14.40 -10.85
N ALA A 995 32.42 13.75 -11.24
CA ALA A 995 31.74 12.71 -10.46
C ALA A 995 32.55 11.42 -10.44
N LEU A 996 33.07 11.00 -11.62
CA LEU A 996 33.88 9.80 -11.78
C LEU A 996 35.19 9.85 -11.00
N LYS A 997 35.83 11.04 -10.89
CA LYS A 997 37.08 11.18 -10.14
C LYS A 997 36.82 11.20 -8.61
N HIS A 998 35.62 11.68 -8.15
CA HIS A 998 35.28 11.63 -6.73
C HIS A 998 34.89 10.21 -6.36
N PHE A 999 34.18 9.51 -7.29
CA PHE A 999 33.80 8.11 -7.11
C PHE A 999 35.04 7.25 -7.00
N ARG A 1000 36.04 7.48 -7.88
CA ARG A 1000 37.34 6.80 -7.88
C ARG A 1000 38.06 7.05 -6.55
N VAL A 1001 38.03 8.32 -6.04
CA VAL A 1001 38.64 8.72 -4.75
C VAL A 1001 38.01 7.93 -3.59
N LYS A 1002 36.66 7.80 -3.60
CA LYS A 1002 35.89 7.05 -2.60
C LYS A 1002 36.11 5.55 -2.77
N PHE A 1003 36.33 5.10 -4.03
CA PHE A 1003 36.61 3.69 -4.33
C PHE A 1003 37.94 3.34 -3.70
N ASN A 1004 39.02 4.08 -4.06
CA ASN A 1004 40.39 3.87 -3.55
C ASN A 1004 40.45 3.89 -2.03
N GLU A 1005 39.72 4.82 -1.39
CA GLU A 1005 39.66 4.93 0.06
C GLU A 1005 38.88 3.78 0.70
N ALA A 1006 37.90 3.19 -0.03
CA ALA A 1006 37.11 2.04 0.44
C ALA A 1006 38.02 0.80 0.50
N LEU A 1007 38.95 0.71 -0.48
CA LEU A 1007 39.95 -0.35 -0.58
C LEU A 1007 41.00 -0.22 0.54
N ARG A 1008 41.49 1.03 0.80
CA ARG A 1008 42.49 1.34 1.83
C ARG A 1008 41.97 1.05 3.24
N GLU A 1009 40.71 1.45 3.53
CA GLU A 1009 40.03 1.22 4.81
C GLU A 1009 39.71 -0.27 5.01
N SER A 1010 39.53 -1.03 3.89
CA SER A 1010 39.25 -2.47 3.90
C SER A 1010 40.43 -3.21 4.53
N TRP A 1011 41.66 -2.74 4.23
CA TRP A 1011 42.93 -3.27 4.75
C TRP A 1011 43.06 -3.09 6.28
N LYS A 1012 42.59 -1.92 6.82
CA LYS A 1012 42.61 -1.59 8.25
C LYS A 1012 41.85 -2.59 9.13
N THR A 1013 40.74 -3.17 8.60
CA THR A 1013 39.92 -4.17 9.30
C THR A 1013 40.28 -5.58 8.81
N VAL B 6 20.57 29.46 25.68
CA VAL B 6 21.71 28.79 26.31
C VAL B 6 22.04 29.50 27.63
N LYS B 7 21.81 28.79 28.75
CA LYS B 7 22.01 29.27 30.12
C LYS B 7 23.48 29.57 30.47
N GLU B 8 24.37 28.56 30.33
CA GLU B 8 25.81 28.68 30.62
C GLU B 8 26.59 29.25 29.42
N ASP B 9 27.92 29.51 29.61
CA ASP B 9 28.78 30.07 28.57
C ASP B 9 30.20 29.41 28.51
N ASN B 10 30.37 28.18 29.03
CA ASN B 10 31.64 27.42 28.99
C ASN B 10 31.44 26.10 28.20
N ILE B 11 32.34 25.81 27.22
CA ILE B 11 32.28 24.68 26.27
C ILE B 11 31.95 23.31 26.91
N GLU B 12 32.74 22.85 27.89
CA GLU B 12 32.50 21.56 28.53
C GLU B 12 31.21 21.52 29.35
N ALA B 13 30.87 22.65 30.02
CA ALA B 13 29.64 22.79 30.82
C ALA B 13 28.39 22.79 29.95
N VAL B 14 28.43 23.45 28.75
CA VAL B 14 27.31 23.47 27.78
C VAL B 14 27.21 22.06 27.19
N GLY B 15 28.35 21.45 26.91
CA GLY B 15 28.45 20.09 26.39
C GLY B 15 27.78 19.05 27.26
N LYS B 16 27.89 19.18 28.60
CA LYS B 16 27.27 18.26 29.57
C LYS B 16 25.75 18.44 29.55
N LYS B 17 25.30 19.70 29.42
CA LYS B 17 23.88 20.03 29.36
C LYS B 17 23.27 19.53 28.06
N LEU B 18 24.02 19.58 26.93
CA LEU B 18 23.57 19.06 25.64
C LEU B 18 23.31 17.56 25.79
N HIS B 19 24.18 16.84 26.52
CA HIS B 19 24.02 15.41 26.79
C HIS B 19 22.77 15.16 27.65
N GLU B 20 22.61 15.92 28.75
CA GLU B 20 21.49 15.80 29.67
C GLU B 20 20.16 16.06 28.98
N TYR B 21 20.08 17.18 28.22
CA TYR B 21 18.91 17.59 27.45
C TYR B 21 18.56 16.61 26.34
N ASN B 22 19.58 15.97 25.71
CA ASN B 22 19.38 14.97 24.68
C ASN B 22 18.80 13.67 25.28
N THR B 23 19.32 13.27 26.45
CA THR B 23 18.88 12.09 27.21
C THR B 23 17.43 12.29 27.62
N GLN B 24 17.12 13.47 28.17
CA GLN B 24 15.78 13.90 28.56
C GLN B 24 14.84 13.93 27.34
N PHE B 25 15.38 14.26 26.14
CA PHE B 25 14.62 14.32 24.88
C PHE B 25 14.31 12.93 24.37
N GLN B 26 15.34 12.04 24.30
CA GLN B 26 15.24 10.64 23.86
C GLN B 26 14.27 9.89 24.77
N GLU B 27 14.31 10.15 26.09
CA GLU B 27 13.42 9.56 27.07
C GLU B 27 11.95 9.95 26.78
N LYS B 28 11.61 11.26 26.79
CA LYS B 28 10.27 11.81 26.53
C LYS B 28 9.69 11.42 25.16
N SER B 29 10.57 11.23 24.15
CA SER B 29 10.19 10.82 22.80
C SER B 29 9.74 9.35 22.83
N ARG B 30 10.42 8.53 23.67
CA ARG B 30 10.12 7.10 23.84
C ARG B 30 8.78 6.93 24.55
N GLU B 31 8.45 7.84 25.49
CA GLU B 31 7.17 7.84 26.21
C GLU B 31 6.01 8.18 25.26
N TYR B 32 6.12 9.27 24.45
CA TYR B 32 5.11 9.68 23.47
C TYR B 32 4.89 8.60 22.39
N ASP B 33 5.96 7.91 21.95
CA ASP B 33 5.90 6.84 20.94
C ASP B 33 5.18 5.60 21.47
N ARG B 34 5.25 5.36 22.80
CA ARG B 34 4.58 4.26 23.48
C ARG B 34 3.10 4.59 23.66
N LEU B 35 2.78 5.89 23.81
CA LEU B 35 1.44 6.42 23.99
C LEU B 35 0.73 6.62 22.66
N TYR B 36 1.49 6.74 21.55
CA TYR B 36 0.92 6.86 20.20
C TYR B 36 0.68 5.44 19.68
N GLU B 37 1.38 4.46 20.28
CA GLU B 37 1.21 3.04 19.96
C GLU B 37 -0.17 2.65 20.53
N ASP B 38 -0.47 3.11 21.77
CA ASP B 38 -1.75 2.91 22.45
C ASP B 38 -2.89 3.59 21.73
N TYR B 39 -2.75 4.90 21.39
CA TYR B 39 -3.77 5.69 20.67
C TYR B 39 -4.15 5.04 19.35
N THR B 40 -3.15 4.56 18.57
CA THR B 40 -3.37 3.86 17.30
C THR B 40 -4.14 2.54 17.56
N ARG B 41 -3.68 1.75 18.57
CA ARG B 41 -4.27 0.47 18.97
C ARG B 41 -5.73 0.64 19.43
N THR B 42 -6.01 1.65 20.28
CA THR B 42 -7.34 1.93 20.80
C THR B 42 -8.26 2.41 19.67
N SER B 43 -7.74 3.23 18.73
CA SER B 43 -8.50 3.72 17.57
C SER B 43 -8.98 2.56 16.72
N GLN B 44 -8.13 1.53 16.55
CA GLN B 44 -8.44 0.32 15.78
C GLN B 44 -9.46 -0.55 16.53
N GLU B 45 -9.27 -0.73 17.87
CA GLU B 45 -10.15 -1.53 18.75
C GLU B 45 -11.55 -0.93 18.87
N ILE B 46 -11.65 0.41 18.83
CA ILE B 46 -12.90 1.16 18.93
C ILE B 46 -13.75 0.98 17.66
N GLN B 47 -13.15 1.09 16.45
CA GLN B 47 -13.87 0.91 15.18
C GLN B 47 -14.26 -0.56 14.97
N MET B 48 -13.62 -1.46 15.73
CA MET B 48 -13.92 -2.89 15.72
C MET B 48 -15.20 -3.10 16.54
N LYS B 49 -15.23 -2.59 17.79
CA LYS B 49 -16.36 -2.66 18.71
C LYS B 49 -17.58 -1.97 18.12
N ARG B 50 -17.39 -0.89 17.36
CA ARG B 50 -18.48 -0.15 16.73
C ARG B 50 -19.08 -0.95 15.54
N THR B 51 -18.25 -1.70 14.78
CA THR B 51 -18.75 -2.54 13.67
C THR B 51 -19.42 -3.81 14.23
N ALA B 52 -18.94 -4.29 15.38
CA ALA B 52 -19.49 -5.44 16.08
C ALA B 52 -20.86 -5.08 16.71
N ILE B 53 -21.08 -3.77 17.00
CA ILE B 53 -22.34 -3.23 17.52
C ILE B 53 -23.33 -3.18 16.35
N GLU B 54 -22.85 -2.81 15.15
CA GLU B 54 -23.62 -2.77 13.91
C GLU B 54 -24.05 -4.19 13.55
N ALA B 55 -23.18 -5.18 13.80
CA ALA B 55 -23.44 -6.60 13.55
C ALA B 55 -24.54 -7.15 14.48
N PHE B 56 -24.53 -6.79 15.79
CA PHE B 56 -25.55 -7.20 16.76
C PHE B 56 -26.92 -6.62 16.37
N ASN B 57 -26.93 -5.35 15.92
CA ASN B 57 -28.10 -4.62 15.44
C ASN B 57 -28.64 -5.31 14.18
N GLU B 58 -27.74 -5.79 13.31
CA GLU B 58 -28.05 -6.50 12.08
C GLU B 58 -28.64 -7.87 12.39
N THR B 59 -28.09 -8.56 13.42
CA THR B 59 -28.54 -9.87 13.90
C THR B 59 -29.92 -9.75 14.53
N ILE B 60 -30.11 -8.76 15.45
CA ILE B 60 -31.39 -8.49 16.08
C ILE B 60 -32.48 -8.16 15.02
N LYS B 61 -32.14 -7.37 13.96
CA LYS B 61 -33.08 -6.98 12.88
C LYS B 61 -33.71 -8.24 12.28
N ILE B 62 -32.83 -9.20 11.89
CA ILE B 62 -33.12 -10.53 11.34
C ILE B 62 -34.01 -11.34 12.32
N PHE B 63 -33.70 -11.30 13.64
CA PHE B 63 -34.47 -11.99 14.66
C PHE B 63 -35.84 -11.38 14.83
N GLU B 64 -35.96 -10.06 14.57
CA GLU B 64 -37.22 -9.33 14.64
C GLU B 64 -38.06 -9.57 13.40
N GLU B 65 -37.42 -9.66 12.20
CA GLU B 65 -38.05 -10.01 10.91
C GLU B 65 -38.68 -11.39 11.06
N GLN B 66 -38.01 -12.31 11.78
CA GLN B 66 -38.47 -13.66 12.04
C GLN B 66 -39.78 -13.68 12.87
N CYS B 67 -39.89 -12.82 13.91
CA CYS B 67 -41.10 -12.70 14.74
C CYS B 67 -42.28 -12.21 13.91
N GLN B 68 -42.01 -11.23 13.02
CA GLN B 68 -42.97 -10.67 12.07
C GLN B 68 -43.52 -11.83 11.27
N THR B 69 -42.62 -12.65 10.66
CA THR B 69 -42.93 -13.84 9.86
C THR B 69 -43.77 -14.83 10.67
N GLN B 70 -43.27 -15.21 11.87
CA GLN B 70 -43.94 -16.12 12.80
C GLN B 70 -45.38 -15.68 13.09
N GLU B 71 -45.61 -14.38 13.33
CA GLU B 71 -46.94 -13.83 13.64
C GLU B 71 -47.93 -13.88 12.44
N ARG B 72 -47.52 -13.41 11.25
CA ARG B 72 -48.35 -13.46 10.05
C ARG B 72 -48.57 -14.91 9.59
N TYR B 73 -47.51 -15.73 9.55
CA TYR B 73 -47.55 -17.12 9.10
C TYR B 73 -48.31 -18.06 10.05
N SER B 74 -48.21 -17.86 11.39
CA SER B 74 -48.91 -18.73 12.32
C SER B 74 -50.42 -18.54 12.23
N LYS B 75 -50.87 -17.27 12.05
CA LYS B 75 -52.27 -16.82 11.94
C LYS B 75 -53.19 -17.83 11.20
N GLU B 76 -52.79 -18.21 9.98
CA GLU B 76 -53.54 -19.14 9.12
C GLU B 76 -53.57 -20.58 9.66
N TYR B 77 -52.50 -21.02 10.35
CA TYR B 77 -52.34 -22.38 10.86
C TYR B 77 -52.86 -22.60 12.28
N ILE B 78 -52.85 -21.55 13.15
CA ILE B 78 -53.38 -21.68 14.50
C ILE B 78 -54.90 -21.84 14.37
N GLU B 79 -55.52 -21.05 13.46
CA GLU B 79 -56.94 -21.09 13.17
C GLU B 79 -57.38 -22.43 12.58
N LYS B 80 -56.50 -23.08 11.78
CA LYS B 80 -56.78 -24.36 11.12
C LYS B 80 -56.62 -25.59 12.04
N PHE B 81 -55.58 -25.61 12.90
CA PHE B 81 -55.35 -26.72 13.83
C PHE B 81 -56.33 -26.72 15.03
N LYS B 82 -56.95 -25.55 15.34
CA LYS B 82 -57.92 -25.39 16.43
C LYS B 82 -59.26 -26.07 16.10
N ARG B 83 -59.71 -25.95 14.83
CA ARG B 83 -60.95 -26.56 14.33
C ARG B 83 -60.81 -28.09 14.19
N GLU B 84 -59.58 -28.60 14.04
CA GLU B 84 -59.27 -30.03 13.91
C GLU B 84 -58.97 -30.71 15.27
N GLY B 85 -59.12 -29.96 16.37
CA GLY B 85 -58.88 -30.45 17.72
C GLY B 85 -57.42 -30.61 18.07
N ASN B 86 -56.52 -30.22 17.13
CA ASN B 86 -55.06 -30.27 17.27
C ASN B 86 -54.56 -29.04 18.04
N GLU B 87 -54.90 -29.01 19.34
CA GLU B 87 -54.49 -27.99 20.30
C GLU B 87 -53.05 -28.30 20.72
N THR B 88 -52.55 -29.44 20.23
CA THR B 88 -51.19 -29.93 20.43
C THR B 88 -50.24 -29.21 19.47
N GLU B 89 -50.63 -29.06 18.19
CA GLU B 89 -49.85 -28.36 17.15
C GLU B 89 -49.69 -26.87 17.46
N ILE B 90 -50.77 -26.21 17.95
CA ILE B 90 -50.79 -24.81 18.37
C ILE B 90 -49.81 -24.62 19.53
N GLN B 91 -49.85 -25.53 20.53
CA GLN B 91 -48.97 -25.51 21.71
C GLN B 91 -47.50 -25.62 21.30
N ARG B 92 -47.22 -26.46 20.26
CA ARG B 92 -45.88 -26.67 19.69
C ARG B 92 -45.39 -25.42 19.00
N ILE B 93 -46.24 -24.77 18.16
CA ILE B 93 -45.94 -23.53 17.44
C ILE B 93 -45.61 -22.39 18.43
N MET B 94 -46.45 -22.21 19.48
CA MET B 94 -46.28 -21.15 20.47
C MET B 94 -45.07 -21.35 21.36
N HIS B 95 -44.78 -22.60 21.76
CA HIS B 95 -43.61 -22.84 22.60
C HIS B 95 -42.28 -22.67 21.83
N ASN B 96 -42.31 -22.91 20.51
CA ASN B 96 -41.17 -22.70 19.62
C ASN B 96 -40.94 -21.18 19.50
N TYR B 97 -42.04 -20.39 19.47
CA TYR B 97 -41.98 -18.93 19.41
C TYR B 97 -41.45 -18.38 20.75
N GLU B 98 -41.87 -18.97 21.88
CA GLU B 98 -41.42 -18.61 23.22
C GLU B 98 -39.94 -18.81 23.25
N LYS B 99 -39.46 -19.88 22.57
CA LYS B 99 -38.05 -20.28 22.48
C LYS B 99 -37.22 -19.22 21.72
N LEU B 100 -37.73 -18.76 20.56
CA LEU B 100 -37.15 -17.72 19.67
C LEU B 100 -36.93 -16.42 20.42
N LYS B 101 -38.00 -15.89 21.05
CA LYS B 101 -38.04 -14.65 21.84
C LYS B 101 -37.04 -14.63 22.99
N SER B 102 -36.84 -15.78 23.65
CA SER B 102 -35.90 -15.98 24.75
C SER B 102 -34.43 -15.78 24.26
N ARG B 103 -34.13 -16.26 23.06
CA ARG B 103 -32.82 -16.13 22.44
C ARG B 103 -32.57 -14.66 22.08
N ILE B 104 -33.61 -13.93 21.60
CA ILE B 104 -33.49 -12.49 21.31
C ILE B 104 -32.96 -11.74 22.54
N SER B 105 -33.52 -12.03 23.73
CA SER B 105 -33.12 -11.46 25.02
C SER B 105 -31.67 -11.78 25.37
N GLU B 106 -31.12 -12.91 24.87
CA GLU B 106 -29.72 -13.28 25.10
C GLU B 106 -28.83 -12.38 24.23
N ILE B 107 -29.18 -12.25 22.92
CA ILE B 107 -28.45 -11.44 21.94
C ILE B 107 -28.48 -9.96 22.33
N VAL B 108 -29.63 -9.45 22.80
CA VAL B 108 -29.82 -8.07 23.24
C VAL B 108 -28.85 -7.74 24.40
N ASP B 109 -28.79 -8.63 25.40
CA ASP B 109 -27.92 -8.53 26.56
C ASP B 109 -26.45 -8.50 26.15
N SER B 110 -26.05 -9.32 25.14
CA SER B 110 -24.68 -9.38 24.62
C SER B 110 -24.32 -8.09 23.90
N ARG B 111 -25.29 -7.50 23.17
CA ARG B 111 -25.14 -6.20 22.49
C ARG B 111 -24.93 -5.11 23.54
N ARG B 112 -25.67 -5.19 24.67
CA ARG B 112 -25.58 -4.25 25.80
C ARG B 112 -24.18 -4.31 26.45
N ARG B 113 -23.61 -5.52 26.61
CA ARG B 113 -22.28 -5.72 27.20
C ARG B 113 -21.17 -5.06 26.38
N LEU B 114 -21.30 -5.06 25.05
CA LEU B 114 -20.36 -4.42 24.13
C LEU B 114 -20.46 -2.91 24.20
N GLU B 115 -21.68 -2.35 24.41
CA GLU B 115 -21.93 -0.92 24.54
C GLU B 115 -21.22 -0.37 25.79
N GLU B 116 -21.09 -1.23 26.83
CA GLU B 116 -20.41 -0.92 28.09
C GLU B 116 -18.90 -0.86 27.86
N ASP B 117 -18.37 -1.82 27.07
CA ASP B 117 -16.95 -1.89 26.74
C ASP B 117 -16.52 -0.71 25.87
N LEU B 118 -17.33 -0.37 24.85
CA LEU B 118 -17.08 0.75 23.94
C LEU B 118 -17.08 2.10 24.69
N LYS B 119 -17.98 2.27 25.69
CA LYS B 119 -18.09 3.48 26.51
C LYS B 119 -16.85 3.63 27.39
N LYS B 120 -16.38 2.49 27.94
CA LYS B 120 -15.19 2.40 28.80
C LYS B 120 -13.91 2.60 28.00
N GLN B 121 -13.88 2.13 26.74
CA GLN B 121 -12.72 2.26 25.88
C GLN B 121 -12.69 3.62 25.17
N ALA B 122 -13.85 4.31 25.04
CA ALA B 122 -13.91 5.64 24.43
C ALA B 122 -13.38 6.65 25.43
N ALA B 123 -13.50 6.31 26.75
CA ALA B 123 -13.03 7.09 27.89
C ALA B 123 -11.54 6.86 28.09
N GLU B 124 -11.05 5.64 27.74
CA GLU B 124 -9.65 5.25 27.79
C GLU B 124 -8.90 6.01 26.71
N TYR B 125 -9.48 6.09 25.49
CA TYR B 125 -8.93 6.81 24.33
C TYR B 125 -8.78 8.29 24.61
N ARG B 126 -9.84 8.94 25.13
CA ARG B 126 -9.84 10.38 25.39
C ARG B 126 -8.83 10.76 26.47
N GLU B 127 -8.59 9.87 27.44
CA GLU B 127 -7.59 10.08 28.49
C GLU B 127 -6.19 9.92 27.90
N ILE B 128 -6.03 8.98 26.93
CA ILE B 128 -4.78 8.76 26.22
C ILE B 128 -4.42 10.05 25.47
N ASP B 129 -5.37 10.61 24.70
CA ASP B 129 -5.19 11.87 23.95
C ASP B 129 -4.88 13.05 24.87
N LYS B 130 -5.41 13.05 26.11
CA LYS B 130 -5.15 14.10 27.10
C LYS B 130 -3.73 13.93 27.62
N ARG B 131 -3.31 12.65 27.83
CA ARG B 131 -1.96 12.30 28.29
C ARG B 131 -0.89 12.60 27.24
N MET B 132 -1.26 12.57 25.94
CA MET B 132 -0.37 12.88 24.83
C MET B 132 -0.25 14.40 24.68
N ASN B 133 -1.39 15.12 24.76
CA ASN B 133 -1.46 16.57 24.61
C ASN B 133 -0.80 17.36 25.75
N SER B 134 -0.43 16.67 26.84
CA SER B 134 0.27 17.28 27.96
C SER B 134 1.79 17.00 27.85
N ILE B 135 2.17 15.95 27.08
CA ILE B 135 3.55 15.55 26.80
C ILE B 135 4.13 16.37 25.62
N LYS B 136 3.30 16.67 24.59
CA LYS B 136 3.69 17.46 23.40
C LYS B 136 4.37 18.80 23.73
N PRO B 137 3.85 19.69 24.62
CA PRO B 137 4.57 20.94 24.89
C PRO B 137 5.97 20.72 25.47
N ASP B 138 6.12 19.70 26.36
CA ASP B 138 7.36 19.30 27.01
C ASP B 138 8.34 18.70 26.00
N LEU B 139 7.84 17.80 25.13
CA LEU B 139 8.60 17.12 24.08
C LEU B 139 9.17 18.11 23.06
N ILE B 140 8.33 19.04 22.59
CA ILE B 140 8.69 20.09 21.62
C ILE B 140 9.74 21.03 22.24
N GLN B 141 9.61 21.38 23.54
CA GLN B 141 10.56 22.26 24.24
C GLN B 141 11.94 21.63 24.38
N LEU B 142 12.00 20.34 24.67
CA LEU B 142 13.25 19.60 24.81
C LEU B 142 13.99 19.50 23.49
N ARG B 143 13.25 19.43 22.36
CA ARG B 143 13.82 19.37 21.02
C ARG B 143 14.51 20.70 20.72
N LYS B 144 13.76 21.82 20.84
CA LYS B 144 14.23 23.19 20.61
C LYS B 144 15.45 23.52 21.47
N THR B 145 15.39 23.19 22.78
CA THR B 145 16.50 23.40 23.71
C THR B 145 17.77 22.67 23.26
N ARG B 146 17.68 21.35 23.03
CA ARG B 146 18.75 20.46 22.57
C ARG B 146 19.41 21.03 21.30
N ASP B 147 18.59 21.47 20.32
CA ASP B 147 19.03 22.06 19.05
C ASP B 147 19.81 23.38 19.25
N GLN B 148 19.39 24.24 20.19
CA GLN B 148 20.05 25.51 20.45
C GLN B 148 21.44 25.31 21.04
N TYR B 149 21.62 24.24 21.84
CA TYR B 149 22.88 23.88 22.48
C TYR B 149 23.81 23.29 21.44
N LEU B 150 23.25 22.54 20.49
CA LEU B 150 23.95 21.94 19.35
C LEU B 150 24.54 23.03 18.45
N MET B 151 23.75 24.10 18.21
CA MET B 151 24.11 25.28 17.41
C MET B 151 25.15 26.10 18.09
N TRP B 152 24.96 26.34 19.40
CA TRP B 152 25.86 27.10 20.25
C TRP B 152 27.27 26.55 20.16
N LEU B 153 27.40 25.22 20.27
CA LEU B 153 28.69 24.55 20.22
C LEU B 153 29.25 24.50 18.78
N THR B 154 28.39 24.43 17.75
CA THR B 154 28.83 24.47 16.34
C THR B 154 29.45 25.87 16.04
N GLN B 155 28.70 26.94 16.37
CA GLN B 155 29.14 28.33 16.31
C GLN B 155 30.50 28.49 17.02
N LYS B 156 30.63 27.99 18.28
CA LYS B 156 31.85 28.06 19.08
C LYS B 156 33.01 27.26 18.49
N GLY B 157 32.73 26.43 17.50
CA GLY B 157 33.75 25.66 16.78
C GLY B 157 34.03 24.29 17.34
N VAL B 158 33.08 23.69 18.09
CA VAL B 158 33.26 22.36 18.66
C VAL B 158 33.24 21.31 17.54
N ARG B 159 34.22 20.40 17.61
CA ARG B 159 34.46 19.29 16.70
C ARG B 159 33.28 18.33 16.70
N GLN B 160 33.01 17.69 15.54
CA GLN B 160 31.95 16.71 15.35
C GLN B 160 32.10 15.48 16.27
N LYS B 161 33.35 15.02 16.50
CA LYS B 161 33.69 13.90 17.38
C LYS B 161 33.16 14.16 18.80
N LYS B 162 33.42 15.38 19.34
CA LYS B 162 32.97 15.79 20.67
C LYS B 162 31.45 15.94 20.70
N LEU B 163 30.86 16.49 19.61
CA LEU B 163 29.42 16.69 19.50
C LEU B 163 28.68 15.36 19.48
N ASN B 164 29.21 14.37 18.73
CA ASN B 164 28.67 13.02 18.65
C ASN B 164 28.79 12.34 20.00
N GLU B 165 29.93 12.52 20.71
CA GLU B 165 30.16 11.99 22.05
C GLU B 165 29.10 12.44 23.07
N TRP B 166 28.60 13.69 22.95
CA TRP B 166 27.58 14.20 23.86
C TRP B 166 26.20 13.71 23.50
N LEU B 167 25.89 13.64 22.21
CA LEU B 167 24.58 13.19 21.73
C LEU B 167 24.40 11.66 21.93
N GLY B 168 25.35 10.87 21.45
CA GLY B 168 25.34 9.41 21.57
C GLY B 168 25.83 8.93 22.92
C5 85S C . 16.11 -15.05 2.96
C6 85S C . 15.66 -15.30 1.63
N1 85S C . 15.89 -16.51 1.07
C7 85S C . 17.16 -15.78 4.87
C8 85S C . 16.74 -14.47 5.06
C9 85S C . 16.09 -14.01 3.88
C11 85S C . 15.50 -12.68 3.72
C12 85S C . 17.88 -16.67 5.81
N3 85S C . 17.00 -17.35 3.02
C15 85S C . 14.92 -10.68 2.98
N4 85S C . 16.76 -16.12 3.58
C2 85S C . 16.55 -17.43 1.81
N10 85S C . 15.02 -14.38 0.90
N13 85S C . 14.68 -12.03 4.60
N14 85S C . 14.31 -10.79 4.16
C16 85S C . 15.67 -11.81 2.65
C17 85S C . 14.22 -12.57 5.89
C18 85S C . 12.69 -12.49 5.99
C19 85S C . 12.22 -12.81 7.39
O20 85S C . 12.86 -11.98 8.37
C21 85S C . 14.27 -12.23 8.37
C22 85S C . 14.90 -11.85 7.05
C23 85S C . 18.90 -16.17 6.61
C24 85S C . 19.57 -16.99 7.49
C25 85S C . 19.26 -18.34 7.57
C26 85S C . 18.24 -18.87 6.76
C27 85S C . 17.56 -18.03 5.88
N28 85S C . 17.92 -20.23 6.85
C29 85S C . 18.14 -21.06 5.66
C30 85S C . 18.10 -22.55 6.03
N31 85S C . 16.85 -22.86 6.74
C32 85S C . 16.71 -22.04 7.96
C33 85S C . 16.71 -20.57 7.60
C34 85S C . 15.92 -23.78 6.34
C35 85S C . 16.17 -24.54 5.08
O36 85S C . 14.90 -23.97 6.99
#